data_7B6L
#
_entry.id   7B6L
#
_cell.length_a   58.268
_cell.length_b   58.147
_cell.length_c   74.463
_cell.angle_alpha   96.83
_cell.angle_beta   91.42
_cell.angle_gamma   104.56
#
_symmetry.space_group_name_H-M   'P 1'
#
loop_
_entity.id
_entity.type
_entity.pdbx_description
1 polymer 'UDP-N-acetylmuramoyl-L-alanyl-D-glutamate-2,6-diaminopimelate ligase'
2 non-polymer 'ISOPROPYL ALCOHOL'
3 non-polymer (1-ethyl-1H-benzoimidazol-2-yl)-furan-2-ylmethyl-aminee
4 water water
#
_entity_poly.entity_id   1
_entity_poly.type   'polypeptide(L)'
_entity_poly.pdbx_seq_one_letter_code
;SMADRNLRDLLAPWVPDAPSRALREMTLDSRVAAAGDLFVAVVGHQADGRRYIPQAIAQGVAAIIAEAKDEATDGEIREM
HGVPVIYLSQLNERLSALAGRFYHEPSDNLRLVGVTGTNGKTTTTQLLAQWSQLLGEISAVMGTVGNGLLGKVIPTENTT
GSAVDVQHELAGLVDQGATFCAMEVSSHGLVQHRVAALKFAASVFTNLSRDHLDYHGDMEHYEAAKWLLYSEHHCGQAII
NADDEVGRRWLAKLPDAVAVSMEDHINPNCHGRWLKATEVNYHDSGATIRFSSSWGDGEIESHLMGAFNVSNLLLALATL
LALGYPLADLLKTAARLQPVCGRMEVFTAPGKPTVVVDYAHTPDALEKALQAARLHCAGKLWCVFGCGGDRDKGKRPLMG
AIAEEFADVAVVTDDNPRTEEPRAIINDILAGMLDAGHAKVMEGRAEAVTCAVMQAKENDVVLVAGKGHEDYQIVGNQRL
DYSDRVTVARLLGVIA
;
_entity_poly.pdbx_strand_id   A,B
#
# COMPACT_ATOMS: atom_id res chain seq x y z
N ARG A 5 -23.95 2.67 -4.55
CA ARG A 5 -23.92 1.38 -5.30
C ARG A 5 -24.92 1.32 -6.45
N ASN A 6 -24.39 1.12 -7.67
CA ASN A 6 -25.16 1.12 -8.89
C ASN A 6 -24.74 -0.05 -9.77
N LEU A 7 -25.73 -0.70 -10.40
CA LEU A 7 -25.53 -1.89 -11.23
C LEU A 7 -24.60 -1.58 -12.36
N ARG A 8 -24.81 -0.40 -12.98
CA ARG A 8 -24.05 0.05 -14.11
C ARG A 8 -22.58 0.22 -13.77
N ASP A 9 -22.29 0.86 -12.63
CA ASP A 9 -20.92 1.08 -12.19
C ASP A 9 -20.28 -0.23 -11.77
N LEU A 10 -21.04 -1.05 -11.03
CA LEU A 10 -20.61 -2.38 -10.62
C LEU A 10 -20.06 -3.19 -11.81
N LEU A 11 -20.84 -3.21 -12.90
CA LEU A 11 -20.52 -4.03 -14.07
C LEU A 11 -19.63 -3.41 -15.16
N ALA A 12 -19.27 -2.13 -15.00
CA ALA A 12 -18.56 -1.38 -16.03
C ALA A 12 -17.32 -2.08 -16.58
N PRO A 13 -16.44 -2.68 -15.73
CA PRO A 13 -15.27 -3.39 -16.26
C PRO A 13 -15.59 -4.56 -17.19
N TRP A 14 -16.81 -5.14 -17.06
CA TRP A 14 -17.20 -6.37 -17.76
C TRP A 14 -18.36 -6.21 -18.75
N VAL A 15 -19.38 -5.45 -18.36
CA VAL A 15 -20.59 -5.26 -19.18
C VAL A 15 -20.82 -3.76 -19.39
N PRO A 16 -20.29 -3.18 -20.48
CA PRO A 16 -20.42 -1.74 -20.73
C PRO A 16 -21.87 -1.25 -20.89
N ASP A 17 -22.77 -2.15 -21.31
CA ASP A 17 -24.13 -1.79 -21.66
C ASP A 17 -25.08 -1.82 -20.45
N ALA A 18 -24.59 -2.24 -19.29
CA ALA A 18 -25.44 -2.54 -18.16
C ALA A 18 -26.31 -1.35 -17.75
N PRO A 19 -27.61 -1.57 -17.43
CA PRO A 19 -28.47 -0.49 -16.95
C PRO A 19 -28.11 0.07 -15.60
N SER A 20 -28.55 1.31 -15.36
CA SER A 20 -28.34 2.05 -14.13
C SER A 20 -29.45 1.77 -13.13
N ARG A 21 -29.08 1.21 -11.97
CA ARG A 21 -30.03 0.84 -10.93
C ARG A 21 -29.33 0.88 -9.58
N ALA A 22 -29.92 1.60 -8.63
CA ALA A 22 -29.42 1.69 -7.28
C ALA A 22 -29.55 0.32 -6.64
N LEU A 23 -28.50 -0.10 -5.95
CA LEU A 23 -28.42 -1.42 -5.33
C LEU A 23 -28.23 -1.22 -3.85
N ARG A 24 -28.82 -2.11 -3.05
CA ARG A 24 -28.80 -2.00 -1.62
C ARG A 24 -27.71 -2.94 -1.08
N GLU A 25 -28.05 -4.20 -0.80
CA GLU A 25 -27.09 -5.21 -0.39
C GLU A 25 -26.95 -6.26 -1.49
N MET A 26 -25.83 -7.01 -1.45
CA MET A 26 -25.52 -8.07 -2.41
C MET A 26 -25.64 -9.39 -1.67
N THR A 27 -26.43 -10.32 -2.24
CA THR A 27 -26.74 -11.58 -1.56
C THR A 27 -26.84 -12.77 -2.51
N LEU A 28 -26.35 -13.92 -2.03
CA LEU A 28 -26.43 -15.22 -2.71
C LEU A 28 -27.71 -15.98 -2.35
N ASP A 29 -28.37 -15.57 -1.26
CA ASP A 29 -29.52 -16.28 -0.71
C ASP A 29 -30.86 -15.60 -1.08
N SER A 30 -31.63 -16.25 -1.96
CA SER A 30 -32.93 -15.73 -2.42
C SER A 30 -33.92 -15.53 -1.27
N ARG A 31 -33.75 -16.30 -0.19
CA ARG A 31 -34.57 -16.18 1.01
C ARG A 31 -34.41 -14.81 1.65
N VAL A 32 -33.15 -14.43 1.94
CA VAL A 32 -32.88 -13.15 2.60
C VAL A 32 -32.95 -11.94 1.67
N ALA A 33 -33.03 -12.19 0.36
CA ALA A 33 -33.11 -11.13 -0.64
C ALA A 33 -34.25 -10.13 -0.43
N ALA A 34 -33.88 -8.89 -0.07
CA ALA A 34 -34.82 -7.80 0.16
C ALA A 34 -35.02 -6.88 -1.07
N ALA A 35 -35.87 -5.86 -0.88
CA ALA A 35 -36.10 -4.82 -1.88
C ALA A 35 -34.87 -3.96 -2.08
N GLY A 36 -34.58 -3.65 -3.35
CA GLY A 36 -33.41 -2.87 -3.72
C GLY A 36 -32.10 -3.67 -3.75
N ASP A 37 -32.14 -4.94 -3.35
CA ASP A 37 -30.94 -5.78 -3.32
C ASP A 37 -30.51 -6.28 -4.69
N LEU A 38 -29.25 -6.72 -4.75
CA LEU A 38 -28.69 -7.42 -5.88
C LEU A 38 -28.63 -8.88 -5.50
N PHE A 39 -29.37 -9.71 -6.25
CA PHE A 39 -29.35 -11.15 -6.07
C PHE A 39 -28.39 -11.74 -7.06
N VAL A 40 -27.47 -12.58 -6.58
CA VAL A 40 -26.53 -13.30 -7.42
C VAL A 40 -26.89 -14.76 -7.40
N ALA A 41 -27.21 -15.30 -8.58
CA ALA A 41 -27.66 -16.67 -8.76
C ALA A 41 -26.53 -17.50 -9.33
N VAL A 42 -25.89 -18.30 -8.46
CA VAL A 42 -24.76 -19.14 -8.84
C VAL A 42 -25.15 -20.61 -8.86
N VAL A 43 -24.43 -21.40 -9.66
CA VAL A 43 -24.57 -22.85 -9.69
C VAL A 43 -23.52 -23.46 -8.79
N GLY A 44 -23.97 -24.24 -7.80
CA GLY A 44 -23.13 -24.81 -6.77
C GLY A 44 -23.33 -26.31 -6.59
N HIS A 45 -23.02 -26.80 -5.38
CA HIS A 45 -23.18 -28.21 -5.00
C HIS A 45 -24.64 -28.63 -5.01
N GLN A 46 -25.02 -29.41 -6.04
CA GLN A 46 -26.39 -29.78 -6.39
C GLN A 46 -27.42 -28.71 -6.00
N ALA A 47 -27.38 -27.59 -6.72
CA ALA A 47 -28.06 -26.36 -6.33
C ALA A 47 -27.84 -25.29 -7.41
N ASP A 48 -28.94 -24.75 -7.93
CA ASP A 48 -28.93 -23.72 -8.95
C ASP A 48 -29.75 -22.53 -8.50
N GLY A 49 -29.06 -21.45 -8.08
CA GLY A 49 -29.66 -20.20 -7.70
C GLY A 49 -30.58 -19.60 -8.75
N ARG A 50 -30.35 -19.92 -10.03
CA ARG A 50 -31.17 -19.45 -11.14
C ARG A 50 -32.64 -19.85 -11.03
N ARG A 51 -32.91 -20.99 -10.39
CA ARG A 51 -34.28 -21.46 -10.21
C ARG A 51 -35.02 -20.54 -9.22
N TYR A 52 -34.25 -19.90 -8.32
CA TYR A 52 -34.80 -18.93 -7.36
C TYR A 52 -34.89 -17.45 -7.85
N ILE A 53 -34.71 -17.25 -9.16
CA ILE A 53 -34.82 -15.92 -9.77
C ILE A 53 -36.23 -15.34 -9.63
N PRO A 54 -37.31 -16.10 -9.93
CA PRO A 54 -38.68 -15.57 -9.79
C PRO A 54 -39.03 -15.26 -8.33
N GLN A 55 -38.60 -16.12 -7.40
CA GLN A 55 -38.71 -15.87 -5.96
C GLN A 55 -38.18 -14.46 -5.61
N ALA A 56 -36.90 -14.23 -5.91
CA ALA A 56 -36.19 -12.97 -5.59
C ALA A 56 -36.84 -11.75 -6.23
N ILE A 57 -37.24 -11.89 -7.49
CA ILE A 57 -37.98 -10.86 -8.22
C ILE A 57 -39.27 -10.46 -7.49
N ALA A 58 -39.95 -11.46 -6.92
CA ALA A 58 -41.19 -11.29 -6.16
C ALA A 58 -40.90 -10.66 -4.79
N GLN A 59 -39.67 -10.85 -4.31
CA GLN A 59 -39.24 -10.26 -3.06
C GLN A 59 -38.72 -8.83 -3.28
N GLY A 60 -38.70 -8.40 -4.55
CA GLY A 60 -38.44 -7.01 -4.94
C GLY A 60 -36.99 -6.59 -5.18
N VAL A 61 -36.11 -7.55 -5.50
CA VAL A 61 -34.72 -7.23 -5.82
C VAL A 61 -34.64 -6.22 -6.96
N ALA A 62 -33.63 -5.36 -6.90
CA ALA A 62 -33.42 -4.30 -7.89
C ALA A 62 -32.79 -4.85 -9.16
N ALA A 63 -32.00 -5.92 -9.04
CA ALA A 63 -31.30 -6.52 -10.19
C ALA A 63 -30.70 -7.86 -9.83
N ILE A 64 -30.37 -8.63 -10.88
CA ILE A 64 -29.86 -10.00 -10.75
C ILE A 64 -28.68 -10.23 -11.69
N ILE A 65 -27.65 -10.89 -11.15
CA ILE A 65 -26.51 -11.38 -11.90
C ILE A 65 -26.55 -12.91 -11.77
N ALA A 66 -26.56 -13.59 -12.92
CA ALA A 66 -26.79 -15.04 -13.02
C ALA A 66 -25.74 -15.77 -13.87
N GLU A 67 -25.51 -17.04 -13.50
CA GLU A 67 -24.57 -17.91 -14.23
C GLU A 67 -25.13 -18.10 -15.63
N ALA A 68 -24.30 -17.84 -16.66
CA ALA A 68 -24.71 -17.87 -18.07
C ALA A 68 -24.70 -19.28 -18.68
N LYS A 69 -23.97 -20.19 -18.03
CA LYS A 69 -23.84 -21.61 -18.42
C LYS A 69 -25.15 -22.23 -18.91
N ASP A 70 -25.20 -22.55 -20.21
CA ASP A 70 -26.36 -23.22 -20.88
C ASP A 70 -27.55 -22.34 -21.17
N GLU A 71 -27.64 -21.18 -20.51
CA GLU A 71 -28.81 -20.33 -20.60
C GLU A 71 -28.59 -19.06 -21.39
N ALA A 72 -27.33 -18.59 -21.44
CA ALA A 72 -27.05 -17.29 -22.02
C ALA A 72 -25.61 -17.12 -22.41
N THR A 73 -25.36 -16.07 -23.19
CA THR A 73 -24.05 -15.62 -23.55
C THR A 73 -23.48 -14.76 -22.41
N ASP A 74 -22.14 -14.72 -22.30
CA ASP A 74 -21.46 -13.93 -21.27
C ASP A 74 -21.72 -12.44 -21.49
N GLY A 75 -22.33 -11.78 -20.51
CA GLY A 75 -22.68 -10.38 -20.62
C GLY A 75 -24.04 -10.12 -21.26
N GLU A 76 -24.85 -11.17 -21.45
CA GLU A 76 -26.19 -10.98 -21.96
C GLU A 76 -27.05 -10.31 -20.91
N ILE A 77 -27.67 -9.19 -21.31
CA ILE A 77 -28.59 -8.40 -20.49
C ILE A 77 -30.04 -8.74 -20.88
N ARG A 78 -30.79 -9.36 -19.96
CA ARG A 78 -32.23 -9.57 -20.09
C ARG A 78 -33.02 -8.83 -19.00
N GLU A 79 -34.35 -8.89 -19.12
CA GLU A 79 -35.26 -8.14 -18.26
C GLU A 79 -36.51 -8.99 -18.01
N MET A 80 -36.75 -9.35 -16.74
CA MET A 80 -37.89 -10.17 -16.33
C MET A 80 -38.67 -9.42 -15.27
N HIS A 81 -39.96 -9.18 -15.52
CA HIS A 81 -40.85 -8.45 -14.59
C HIS A 81 -40.30 -7.06 -14.22
N GLY A 82 -39.65 -6.40 -15.19
CA GLY A 82 -39.02 -5.11 -14.99
C GLY A 82 -37.57 -5.18 -14.59
N VAL A 83 -37.21 -6.20 -13.81
CA VAL A 83 -35.90 -6.35 -13.18
C VAL A 83 -34.84 -6.85 -14.15
N PRO A 84 -33.72 -6.13 -14.36
CA PRO A 84 -32.66 -6.59 -15.26
C PRO A 84 -31.90 -7.81 -14.70
N VAL A 85 -31.67 -8.79 -15.58
CA VAL A 85 -30.97 -10.02 -15.24
C VAL A 85 -29.80 -10.08 -16.20
N ILE A 86 -28.58 -10.16 -15.63
CA ILE A 86 -27.36 -10.14 -16.42
C ILE A 86 -26.60 -11.42 -16.18
N TYR A 87 -26.20 -12.05 -17.29
CA TYR A 87 -25.56 -13.34 -17.26
C TYR A 87 -24.04 -13.18 -17.47
N LEU A 88 -23.28 -13.90 -16.64
CA LEU A 88 -21.83 -13.92 -16.68
C LEU A 88 -21.41 -15.38 -16.58
N SER A 89 -20.51 -15.79 -17.47
CA SER A 89 -19.96 -17.14 -17.44
C SER A 89 -18.87 -17.21 -16.36
N GLN A 90 -18.69 -18.41 -15.79
CA GLN A 90 -17.68 -18.68 -14.77
C GLN A 90 -17.88 -17.75 -13.57
N LEU A 91 -19.14 -17.53 -13.21
CA LEU A 91 -19.53 -16.61 -12.16
C LEU A 91 -18.91 -16.92 -10.81
N ASN A 92 -18.74 -18.23 -10.53
CA ASN A 92 -18.13 -18.68 -9.29
C ASN A 92 -16.69 -18.17 -9.18
N GLU A 93 -15.95 -18.20 -10.29
CA GLU A 93 -14.57 -17.71 -10.35
C GLU A 93 -14.46 -16.19 -10.20
N ARG A 94 -15.49 -15.48 -10.65
CA ARG A 94 -15.49 -14.04 -10.73
C ARG A 94 -16.21 -13.37 -9.56
N LEU A 95 -16.80 -14.18 -8.68
CA LEU A 95 -17.59 -13.68 -7.57
C LEU A 95 -16.78 -12.77 -6.64
N SER A 96 -15.57 -13.19 -6.29
CA SER A 96 -14.72 -12.40 -5.42
C SER A 96 -14.48 -11.00 -6.01
N ALA A 97 -14.20 -10.95 -7.32
CA ALA A 97 -13.95 -9.68 -8.00
C ALA A 97 -15.22 -8.81 -8.05
N LEU A 98 -16.36 -9.47 -8.26
CA LEU A 98 -17.64 -8.79 -8.37
C LEU A 98 -17.99 -8.16 -7.04
N ALA A 99 -17.87 -8.97 -5.98
CA ALA A 99 -18.06 -8.54 -4.60
C ALA A 99 -17.04 -7.49 -4.16
N GLY A 100 -15.78 -7.65 -4.57
CA GLY A 100 -14.74 -6.65 -4.30
C GLY A 100 -15.14 -5.26 -4.77
N ARG A 101 -15.59 -5.19 -6.02
CA ARG A 101 -16.01 -3.93 -6.62
C ARG A 101 -17.24 -3.40 -5.90
N PHE A 102 -18.22 -4.28 -5.65
CA PHE A 102 -19.41 -3.91 -4.90
C PHE A 102 -19.10 -3.21 -3.56
N TYR A 103 -18.15 -3.75 -2.80
CA TYR A 103 -17.81 -3.22 -1.48
C TYR A 103 -16.61 -2.25 -1.48
N HIS A 104 -16.34 -1.64 -2.63
CA HIS A 104 -15.29 -0.64 -2.80
C HIS A 104 -13.90 -1.17 -2.40
N GLU A 105 -13.57 -2.38 -2.87
CA GLU A 105 -12.21 -2.95 -2.82
C GLU A 105 -11.60 -2.83 -1.43
N PRO A 106 -12.19 -3.47 -0.39
CA PRO A 106 -11.69 -3.35 0.98
C PRO A 106 -10.22 -3.73 1.15
N SER A 107 -9.72 -4.71 0.38
CA SER A 107 -8.31 -5.11 0.54
C SER A 107 -7.28 -4.11 -0.03
N ASP A 108 -7.77 -3.12 -0.79
CA ASP A 108 -6.98 -1.98 -1.25
C ASP A 108 -6.95 -0.83 -0.24
N ASN A 109 -7.78 -0.92 0.79
CA ASN A 109 -7.92 0.12 1.79
C ASN A 109 -7.43 -0.29 3.18
N LEU A 110 -6.68 -1.41 3.23
CA LEU A 110 -5.92 -1.82 4.42
C LEU A 110 -4.84 -2.81 3.97
N ARG A 111 -3.83 -3.03 4.83
CA ARG A 111 -2.80 -4.04 4.60
C ARG A 111 -3.34 -5.38 5.05
N LEU A 112 -3.61 -6.26 4.08
CA LEU A 112 -4.16 -7.57 4.29
C LEU A 112 -3.02 -8.58 4.19
N VAL A 113 -2.89 -9.43 5.21
CA VAL A 113 -1.91 -10.49 5.22
C VAL A 113 -2.68 -11.77 5.39
N GLY A 114 -2.47 -12.69 4.44
CA GLY A 114 -3.09 -14.01 4.44
C GLY A 114 -2.11 -15.04 4.97
N VAL A 115 -2.57 -15.96 5.82
CA VAL A 115 -1.76 -17.06 6.36
C VAL A 115 -2.46 -18.39 6.02
N THR A 116 -1.72 -19.29 5.35
CA THR A 116 -2.21 -20.60 5.00
C THR A 116 -1.26 -21.69 5.46
N GLY A 117 -1.80 -22.91 5.59
CA GLY A 117 -1.09 -24.08 6.08
C GLY A 117 -1.97 -24.88 7.04
N THR A 118 -1.50 -26.06 7.44
CA THR A 118 -2.24 -26.94 8.35
C THR A 118 -2.34 -26.39 9.76
N ASN A 119 -1.19 -26.02 10.34
CA ASN A 119 -1.10 -25.55 11.73
C ASN A 119 -0.54 -24.17 11.81
N GLY A 120 -0.82 -23.50 12.93
CA GLY A 120 -0.24 -22.21 13.23
C GLY A 120 -0.93 -21.00 12.61
N LYS A 121 -2.01 -21.20 11.85
CA LYS A 121 -2.71 -20.10 11.23
C LYS A 121 -3.23 -19.13 12.26
N THR A 122 -3.89 -19.64 13.30
CA THR A 122 -4.58 -18.81 14.28
C THR A 122 -3.57 -17.98 15.07
N THR A 123 -2.52 -18.64 15.56
CA THR A 123 -1.47 -17.97 16.30
C THR A 123 -0.72 -16.98 15.43
N THR A 124 -0.34 -17.39 14.22
CA THR A 124 0.42 -16.50 13.34
C THR A 124 -0.39 -15.23 12.95
N THR A 125 -1.68 -15.40 12.59
CA THR A 125 -2.56 -14.24 12.32
C THR A 125 -2.70 -13.35 13.55
N GLN A 126 -2.95 -13.97 14.71
CA GLN A 126 -3.03 -13.26 15.96
C GLN A 126 -1.78 -12.42 16.26
N LEU A 127 -0.60 -13.03 16.08
CA LEU A 127 0.66 -12.31 16.31
C LEU A 127 0.85 -11.13 15.32
N LEU A 128 0.48 -11.35 14.05
CA LEU A 128 0.55 -10.33 13.01
C LEU A 128 -0.30 -9.12 13.41
N ALA A 129 -1.54 -9.39 13.80
CA ALA A 129 -2.48 -8.34 14.16
C ALA A 129 -2.00 -7.57 15.39
N GLN A 130 -1.55 -8.32 16.41
N GLN A 130 -1.55 -8.32 16.41
CA GLN A 130 -1.02 -7.74 17.64
CA GLN A 130 -1.03 -7.76 17.65
C GLN A 130 0.18 -6.85 17.39
C GLN A 130 0.17 -6.86 17.40
N TRP A 131 1.17 -7.41 16.68
CA TRP A 131 2.44 -6.74 16.50
C TRP A 131 2.25 -5.48 15.68
N SER A 132 1.52 -5.60 14.57
CA SER A 132 1.18 -4.47 13.75
C SER A 132 0.47 -3.36 14.54
N GLN A 133 -0.47 -3.74 15.41
CA GLN A 133 -1.18 -2.77 16.25
C GLN A 133 -0.27 -2.08 17.26
N LEU A 134 0.61 -2.86 17.91
CA LEU A 134 1.66 -2.32 18.77
C LEU A 134 2.52 -1.30 18.06
N LEU A 135 2.66 -1.42 16.74
CA LEU A 135 3.41 -0.45 15.93
C LEU A 135 2.55 0.69 15.37
N GLY A 136 1.29 0.77 15.79
CA GLY A 136 0.44 1.92 15.52
C GLY A 136 -0.73 1.69 14.57
N GLU A 137 -0.82 0.49 13.96
CA GLU A 137 -1.98 0.14 13.13
C GLU A 137 -3.22 -0.07 14.03
N ILE A 138 -4.42 0.03 13.44
CA ILE A 138 -5.63 -0.56 14.01
C ILE A 138 -5.85 -1.88 13.27
N SER A 139 -5.70 -2.99 13.99
CA SER A 139 -5.57 -4.32 13.42
C SER A 139 -6.80 -5.19 13.66
N ALA A 140 -7.03 -6.10 12.72
CA ALA A 140 -8.16 -7.01 12.76
C ALA A 140 -7.69 -8.40 12.35
N VAL A 141 -8.52 -9.41 12.64
CA VAL A 141 -8.27 -10.77 12.30
C VAL A 141 -9.54 -11.30 11.72
N MET A 142 -9.38 -12.19 10.72
CA MET A 142 -10.46 -12.99 10.17
C MET A 142 -9.97 -14.40 10.20
N GLY A 143 -10.63 -15.25 11.00
CA GLY A 143 -10.15 -16.58 11.27
C GLY A 143 -11.22 -17.46 11.90
N THR A 144 -10.80 -18.61 12.42
CA THR A 144 -11.70 -19.67 12.85
C THR A 144 -12.27 -19.47 14.28
N VAL A 145 -11.60 -18.64 15.10
CA VAL A 145 -12.22 -18.06 16.28
C VAL A 145 -13.40 -17.20 15.79
N GLY A 146 -13.07 -16.15 15.01
CA GLY A 146 -14.04 -15.27 14.39
C GLY A 146 -13.38 -14.08 13.68
N ASN A 147 -14.21 -13.09 13.34
CA ASN A 147 -13.78 -11.88 12.68
C ASN A 147 -13.99 -10.67 13.58
N GLY A 148 -13.04 -9.73 13.55
CA GLY A 148 -13.23 -8.45 14.20
C GLY A 148 -11.95 -7.69 14.45
N LEU A 149 -12.10 -6.41 14.82
CA LEU A 149 -11.01 -5.63 15.37
C LEU A 149 -10.46 -6.38 16.56
N LEU A 150 -9.13 -6.30 16.71
CA LEU A 150 -8.42 -6.99 17.78
C LEU A 150 -9.12 -6.73 19.14
N GLY A 151 -9.43 -7.82 19.86
CA GLY A 151 -10.13 -7.75 21.14
C GLY A 151 -11.65 -7.75 21.06
N LYS A 152 -12.21 -7.46 19.87
CA LYS A 152 -13.66 -7.41 19.64
C LYS A 152 -14.06 -8.40 18.56
N VAL A 153 -13.56 -9.63 18.68
CA VAL A 153 -13.69 -10.66 17.66
C VAL A 153 -15.00 -11.45 17.85
N ILE A 154 -15.96 -11.25 16.94
CA ILE A 154 -17.26 -11.93 16.98
C ILE A 154 -17.19 -13.27 16.24
N PRO A 155 -17.67 -14.38 16.82
CA PRO A 155 -17.99 -15.58 16.04
C PRO A 155 -19.18 -15.34 15.11
N GLY A 161 -19.71 -19.44 4.34
CA GLY A 161 -18.88 -18.25 4.25
C GLY A 161 -18.25 -18.05 2.87
N SER A 162 -19.04 -17.54 1.92
CA SER A 162 -18.68 -17.41 0.51
C SER A 162 -17.73 -16.24 0.18
N ALA A 163 -17.42 -16.10 -1.12
CA ALA A 163 -16.56 -15.02 -1.63
C ALA A 163 -17.17 -13.65 -1.37
N VAL A 164 -18.51 -13.56 -1.42
CA VAL A 164 -19.23 -12.34 -1.10
C VAL A 164 -19.06 -12.00 0.38
N ASP A 165 -19.23 -13.00 1.25
CA ASP A 165 -19.17 -12.83 2.70
C ASP A 165 -17.78 -12.33 3.10
N VAL A 166 -16.74 -12.92 2.49
CA VAL A 166 -15.37 -12.51 2.76
C VAL A 166 -15.18 -11.02 2.49
N GLN A 167 -15.64 -10.55 1.31
CA GLN A 167 -15.45 -9.15 0.90
C GLN A 167 -16.29 -8.20 1.76
N HIS A 168 -17.51 -8.64 2.09
CA HIS A 168 -18.42 -7.92 2.97
C HIS A 168 -17.83 -7.73 4.38
N GLU A 169 -17.29 -8.80 4.95
CA GLU A 169 -16.67 -8.75 6.29
C GLU A 169 -15.46 -7.82 6.31
N LEU A 170 -14.59 -7.98 5.32
CA LEU A 170 -13.41 -7.12 5.19
C LEU A 170 -13.82 -5.63 5.04
N ALA A 171 -14.89 -5.37 4.29
CA ALA A 171 -15.44 -4.02 4.13
C ALA A 171 -15.95 -3.46 5.42
N GLY A 172 -16.59 -4.31 6.24
CA GLY A 172 -17.04 -3.94 7.57
C GLY A 172 -15.91 -3.52 8.50
N LEU A 173 -14.79 -4.26 8.43
CA LEU A 173 -13.60 -3.93 9.21
C LEU A 173 -12.97 -2.60 8.78
N VAL A 174 -12.97 -2.34 7.46
CA VAL A 174 -12.48 -1.07 6.93
C VAL A 174 -13.32 0.07 7.52
N ASP A 175 -14.64 -0.11 7.49
CA ASP A 175 -15.61 0.86 8.02
C ASP A 175 -15.43 1.11 9.51
N GLN A 176 -15.01 0.08 10.24
CA GLN A 176 -14.74 0.20 11.67
C GLN A 176 -13.38 0.85 11.97
N GLY A 177 -12.60 1.16 10.93
CA GLY A 177 -11.34 1.89 11.05
C GLY A 177 -10.05 1.08 10.99
N ALA A 178 -10.17 -0.22 10.70
CA ALA A 178 -9.03 -1.12 10.57
C ALA A 178 -8.10 -0.70 9.44
N THR A 179 -6.80 -0.63 9.74
CA THR A 179 -5.75 -0.40 8.74
C THR A 179 -4.92 -1.65 8.38
N PHE A 180 -5.09 -2.73 9.15
CA PHE A 180 -4.36 -3.99 9.03
C PHE A 180 -5.32 -5.15 9.33
N CYS A 181 -5.24 -6.21 8.52
CA CYS A 181 -6.03 -7.39 8.79
C CYS A 181 -5.20 -8.65 8.55
N ALA A 182 -5.16 -9.53 9.54
CA ALA A 182 -4.53 -10.84 9.42
C ALA A 182 -5.63 -11.87 9.25
N MET A 183 -5.63 -12.54 8.08
CA MET A 183 -6.64 -13.49 7.70
C MET A 183 -6.07 -14.91 7.55
N GLU A 184 -6.70 -15.88 8.22
CA GLU A 184 -6.48 -17.29 7.98
C GLU A 184 -7.11 -17.63 6.65
N VAL A 185 -6.37 -18.33 5.79
CA VAL A 185 -6.89 -18.80 4.51
C VAL A 185 -6.83 -20.31 4.51
N SER A 186 -8.00 -20.93 4.42
CA SER A 186 -8.14 -22.37 4.30
C SER A 186 -7.89 -22.79 2.88
N SER A 187 -7.26 -23.96 2.73
CA SER A 187 -7.04 -24.61 1.43
C SER A 187 -8.35 -24.80 0.67
N HIS A 188 -9.41 -25.18 1.41
CA HIS A 188 -10.79 -25.32 0.89
C HIS A 188 -11.25 -24.00 0.25
N GLY A 189 -11.11 -22.91 1.00
CA GLY A 189 -11.39 -21.57 0.54
C GLY A 189 -10.72 -21.25 -0.78
N LEU A 190 -9.39 -21.36 -0.83
CA LEU A 190 -8.59 -21.08 -2.02
C LEU A 190 -9.09 -21.74 -3.30
N VAL A 191 -9.27 -23.07 -3.23
CA VAL A 191 -9.67 -23.89 -4.38
C VAL A 191 -11.09 -23.50 -4.86
N GLN A 192 -11.92 -22.99 -3.94
CA GLN A 192 -13.27 -22.52 -4.25
C GLN A 192 -13.35 -21.02 -4.58
N HIS A 193 -12.20 -20.38 -4.74
CA HIS A 193 -12.12 -18.98 -5.20
C HIS A 193 -12.72 -17.97 -4.22
N ARG A 194 -12.76 -18.33 -2.94
CA ARG A 194 -13.31 -17.45 -1.91
C ARG A 194 -12.45 -16.22 -1.64
N VAL A 195 -11.16 -16.25 -1.99
CA VAL A 195 -10.27 -15.09 -1.91
C VAL A 195 -9.62 -14.68 -3.24
N ALA A 196 -10.22 -15.09 -4.35
CA ALA A 196 -9.64 -14.92 -5.67
C ALA A 196 -9.23 -13.49 -6.08
N ALA A 197 -10.00 -12.46 -5.68
CA ALA A 197 -9.72 -11.09 -6.06
C ALA A 197 -9.12 -10.22 -4.94
N LEU A 198 -8.76 -10.83 -3.81
CA LEU A 198 -8.16 -10.07 -2.72
C LEU A 198 -6.73 -9.68 -3.03
N LYS A 199 -6.40 -8.42 -2.74
CA LYS A 199 -5.05 -7.92 -2.86
C LYS A 199 -4.32 -8.13 -1.54
N PHE A 200 -3.62 -9.26 -1.42
CA PHE A 200 -2.81 -9.52 -0.22
C PHE A 200 -1.50 -8.75 -0.27
N ALA A 201 -1.21 -8.00 0.79
CA ALA A 201 0.07 -7.33 0.93
C ALA A 201 1.14 -8.36 1.13
N ALA A 202 0.78 -9.45 1.81
CA ALA A 202 1.69 -10.55 2.03
C ALA A 202 0.96 -11.85 2.27
N SER A 203 1.67 -12.95 2.04
CA SER A 203 1.17 -14.30 2.12
C SER A 203 2.21 -15.14 2.87
N VAL A 204 1.76 -15.80 3.94
CA VAL A 204 2.59 -16.60 4.78
C VAL A 204 2.18 -18.05 4.66
N PHE A 205 3.18 -18.92 4.50
CA PHE A 205 3.00 -20.35 4.52
C PHE A 205 3.66 -20.91 5.77
N THR A 206 2.87 -21.58 6.63
CA THR A 206 3.34 -22.18 7.88
C THR A 206 3.93 -23.61 7.72
N ASN A 207 3.13 -24.52 7.14
CA ASN A 207 3.46 -25.94 7.06
C ASN A 207 2.37 -26.68 6.37
N LEU A 208 2.63 -27.96 6.08
CA LEU A 208 1.67 -28.84 5.44
C LEU A 208 1.80 -30.24 6.05
N SER A 209 0.69 -30.74 6.62
CA SER A 209 0.53 -32.14 7.04
C SER A 209 -0.60 -32.76 6.23
N ARG A 210 -0.45 -32.71 4.89
CA ARG A 210 -1.31 -33.44 3.96
C ARG A 210 -0.53 -34.71 3.58
N ASP A 211 -0.95 -35.83 4.17
CA ASP A 211 -0.53 -37.15 3.72
C ASP A 211 -1.48 -37.59 2.61
N HIS A 212 -1.18 -38.74 1.98
CA HIS A 212 -1.80 -39.20 0.72
C HIS A 212 -1.14 -38.49 -0.49
N LEU A 213 0.15 -38.13 -0.31
CA LEU A 213 0.94 -37.39 -1.31
C LEU A 213 2.31 -38.08 -1.60
N ASP A 214 2.48 -39.32 -1.12
CA ASP A 214 3.76 -40.03 -1.13
C ASP A 214 4.26 -40.53 -2.50
N TYR A 215 3.33 -40.68 -3.45
CA TYR A 215 3.65 -40.94 -4.86
C TYR A 215 4.15 -39.64 -5.53
N HIS A 216 4.84 -39.77 -6.67
CA HIS A 216 5.23 -38.63 -7.53
C HIS A 216 4.29 -38.52 -8.77
N GLY A 217 3.29 -39.41 -8.86
CA GLY A 217 2.12 -39.26 -9.70
C GLY A 217 1.01 -38.48 -8.99
N ASP A 218 0.84 -38.75 -7.69
CA ASP A 218 -0.08 -38.04 -6.78
C ASP A 218 0.37 -36.60 -6.52
N MET A 219 1.54 -36.46 -5.90
CA MET A 219 2.08 -35.16 -5.48
C MET A 219 2.06 -34.12 -6.62
N GLU A 220 2.21 -34.59 -7.87
CA GLU A 220 2.33 -33.69 -9.01
C GLU A 220 1.04 -32.96 -9.40
N HIS A 221 -0.12 -33.64 -9.45
CA HIS A 221 -1.40 -32.95 -9.76
C HIS A 221 -1.74 -31.94 -8.67
N TYR A 222 -1.54 -32.35 -7.41
CA TYR A 222 -1.78 -31.52 -6.24
C TYR A 222 -0.99 -30.21 -6.31
N GLU A 223 0.33 -30.33 -6.47
CA GLU A 223 1.23 -29.18 -6.59
C GLU A 223 0.91 -28.34 -7.81
N ALA A 224 0.63 -28.98 -8.95
CA ALA A 224 0.34 -28.29 -10.21
C ALA A 224 -0.90 -27.43 -10.06
N ALA A 225 -1.94 -28.03 -9.46
CA ALA A 225 -3.18 -27.34 -9.15
C ALA A 225 -2.89 -26.10 -8.27
N LYS A 226 -2.01 -26.26 -7.28
CA LYS A 226 -1.68 -25.14 -6.35
C LYS A 226 -0.83 -24.04 -6.99
N TRP A 227 0.19 -24.43 -7.78
CA TRP A 227 0.99 -23.46 -8.52
C TRP A 227 0.10 -22.60 -9.43
N LEU A 228 -0.84 -23.26 -10.13
CA LEU A 228 -1.75 -22.57 -11.03
C LEU A 228 -2.59 -21.52 -10.27
N LEU A 229 -3.22 -21.97 -9.19
CA LEU A 229 -4.06 -21.11 -8.36
C LEU A 229 -3.24 -19.94 -7.85
N TYR A 230 -2.02 -20.23 -7.38
CA TYR A 230 -1.08 -19.23 -6.87
C TYR A 230 -0.86 -18.14 -7.91
N SER A 231 -0.58 -18.56 -9.15
CA SER A 231 -0.30 -17.65 -10.25
C SER A 231 -1.51 -16.76 -10.56
N GLU A 232 -2.71 -17.21 -10.18
CA GLU A 232 -3.95 -16.45 -10.37
C GLU A 232 -4.26 -15.46 -9.23
N HIS A 233 -3.59 -15.60 -8.07
CA HIS A 233 -3.84 -14.69 -6.94
C HIS A 233 -2.80 -13.57 -6.84
N HIS A 234 -3.20 -12.48 -6.18
CA HIS A 234 -2.33 -11.38 -5.85
C HIS A 234 -1.82 -11.69 -4.44
N CYS A 235 -0.68 -12.40 -4.35
CA CYS A 235 -0.17 -12.89 -3.08
C CYS A 235 0.69 -11.88 -2.32
N GLY A 236 1.15 -10.83 -3.01
CA GLY A 236 2.06 -9.84 -2.44
C GLY A 236 3.40 -10.48 -2.07
N GLN A 237 4.00 -10.02 -0.97
N GLN A 237 4.00 -10.02 -0.97
CA GLN A 237 5.24 -10.62 -0.48
CA GLN A 237 5.24 -10.61 -0.46
C GLN A 237 4.99 -12.02 0.08
C GLN A 237 4.98 -12.01 0.08
N ALA A 238 5.81 -12.98 -0.35
CA ALA A 238 5.69 -14.37 0.05
C ALA A 238 6.67 -14.63 1.21
N ILE A 239 6.15 -15.16 2.32
CA ILE A 239 6.96 -15.53 3.47
C ILE A 239 6.69 -16.99 3.81
N ILE A 240 7.75 -17.79 3.78
CA ILE A 240 7.66 -19.23 3.75
C ILE A 240 8.59 -19.88 4.77
N ASN A 241 8.01 -20.79 5.56
CA ASN A 241 8.74 -21.62 6.49
C ASN A 241 9.59 -22.61 5.73
N ALA A 242 10.91 -22.40 5.79
CA ALA A 242 11.88 -23.25 5.13
C ALA A 242 12.17 -24.56 5.86
N ASP A 243 11.63 -24.72 7.07
CA ASP A 243 11.73 -25.97 7.85
C ASP A 243 10.69 -27.04 7.45
N ASP A 244 9.77 -26.66 6.55
CA ASP A 244 8.82 -27.56 5.96
C ASP A 244 9.30 -27.95 4.56
N GLU A 245 9.21 -29.24 4.23
CA GLU A 245 9.70 -29.81 2.98
C GLU A 245 9.01 -29.18 1.76
N VAL A 246 7.69 -28.98 1.86
CA VAL A 246 6.92 -28.37 0.77
C VAL A 246 7.24 -26.88 0.71
N GLY A 247 7.40 -26.26 1.87
CA GLY A 247 7.97 -24.92 1.98
C GLY A 247 9.21 -24.68 1.15
N ARG A 248 10.17 -25.62 1.18
N ARG A 248 10.17 -25.62 1.18
CA ARG A 248 11.40 -25.50 0.38
CA ARG A 248 11.40 -25.50 0.39
C ARG A 248 11.13 -25.62 -1.13
C ARG A 248 11.13 -25.63 -1.13
N ARG A 249 10.20 -26.49 -1.51
CA ARG A 249 9.78 -26.60 -2.92
C ARG A 249 9.21 -25.28 -3.41
N TRP A 250 8.31 -24.67 -2.63
CA TRP A 250 7.80 -23.33 -2.93
C TRP A 250 9.01 -22.40 -3.16
N LEU A 251 9.93 -22.36 -2.17
CA LEU A 251 11.05 -21.39 -2.14
C LEU A 251 11.99 -21.52 -3.31
N ALA A 252 12.20 -22.77 -3.75
CA ALA A 252 13.02 -23.05 -4.91
C ALA A 252 12.58 -22.29 -6.16
N LYS A 253 11.26 -22.06 -6.31
N LYS A 253 11.26 -22.06 -6.31
CA LYS A 253 10.68 -21.44 -7.49
CA LYS A 253 10.68 -21.45 -7.50
C LYS A 253 10.30 -19.97 -7.32
C LYS A 253 10.29 -19.97 -7.33
N LEU A 254 10.51 -19.43 -6.12
CA LEU A 254 10.10 -18.07 -5.77
C LEU A 254 11.31 -17.30 -5.23
N PRO A 255 12.15 -16.70 -6.10
CA PRO A 255 13.39 -16.06 -5.64
C PRO A 255 13.19 -14.81 -4.78
N ASP A 256 12.03 -14.16 -4.90
CA ASP A 256 11.66 -12.97 -4.13
C ASP A 256 11.03 -13.25 -2.77
N ALA A 257 10.79 -14.52 -2.46
CA ALA A 257 10.12 -14.89 -1.23
C ALA A 257 11.15 -14.85 -0.09
N VAL A 258 10.67 -14.64 1.14
CA VAL A 258 11.51 -14.68 2.33
C VAL A 258 11.50 -16.07 2.94
N ALA A 259 12.69 -16.66 3.12
CA ALA A 259 12.80 -17.93 3.80
C ALA A 259 12.98 -17.70 5.28
N VAL A 260 12.22 -18.45 6.09
CA VAL A 260 12.34 -18.39 7.54
C VAL A 260 12.64 -19.78 8.09
N SER A 261 13.56 -19.88 9.05
CA SER A 261 13.99 -21.16 9.59
C SER A 261 14.47 -21.02 11.02
N MET A 262 14.30 -22.09 11.79
CA MET A 262 14.91 -22.23 13.11
C MET A 262 15.73 -23.52 13.18
N GLU A 263 16.00 -24.15 12.03
CA GLU A 263 16.69 -25.44 11.93
C GLU A 263 17.66 -25.57 10.74
N ASP A 264 18.35 -24.49 10.39
CA ASP A 264 19.44 -24.53 9.40
C ASP A 264 19.09 -24.74 7.91
N HIS A 265 17.87 -24.38 7.49
CA HIS A 265 17.42 -24.61 6.09
C HIS A 265 17.51 -23.37 5.17
N ILE A 266 18.04 -22.26 5.71
CA ILE A 266 18.34 -21.09 4.91
C ILE A 266 19.50 -21.47 4.01
N ASN A 267 19.32 -21.30 2.69
CA ASN A 267 20.39 -21.40 1.72
C ASN A 267 20.84 -19.99 1.32
N PRO A 268 21.88 -19.41 1.98
CA PRO A 268 22.29 -18.03 1.71
C PRO A 268 22.90 -17.80 0.31
N ASN A 269 23.24 -18.89 -0.41
CA ASN A 269 23.69 -18.85 -1.82
C ASN A 269 22.71 -18.12 -2.77
N CYS A 270 21.40 -18.27 -2.51
N CYS A 270 21.40 -18.25 -2.52
CA CYS A 270 20.37 -17.67 -3.37
CA CYS A 270 20.37 -17.65 -3.37
C CYS A 270 20.34 -16.10 -3.34
C CYS A 270 20.36 -16.10 -3.35
N HIS A 271 21.04 -15.50 -2.36
CA HIS A 271 21.09 -14.04 -2.12
C HIS A 271 19.70 -13.42 -1.87
N GLY A 272 18.78 -14.24 -1.36
CA GLY A 272 17.40 -13.85 -1.15
C GLY A 272 17.31 -13.21 0.21
N ARG A 273 16.09 -12.92 0.62
CA ARG A 273 15.81 -12.42 1.94
C ARG A 273 15.55 -13.61 2.83
N TRP A 274 16.05 -13.55 4.07
CA TRP A 274 15.91 -14.65 5.01
C TRP A 274 15.91 -14.20 6.45
N LEU A 275 15.46 -15.12 7.31
CA LEU A 275 15.48 -14.94 8.75
C LEU A 275 15.55 -16.30 9.44
N LYS A 276 16.54 -16.45 10.33
CA LYS A 276 16.70 -17.68 11.06
C LYS A 276 17.09 -17.47 12.49
N ALA A 277 16.52 -18.32 13.34
CA ALA A 277 16.85 -18.38 14.72
C ALA A 277 18.17 -19.11 14.76
N THR A 278 19.13 -18.53 15.48
CA THR A 278 20.45 -19.11 15.66
C THR A 278 20.60 -19.83 16.99
N GLU A 279 19.85 -19.39 18.00
CA GLU A 279 19.72 -20.13 19.25
C GLU A 279 18.41 -19.76 19.93
N VAL A 280 17.83 -20.75 20.60
CA VAL A 280 16.61 -20.59 21.35
C VAL A 280 16.88 -21.25 22.67
N ASN A 281 16.65 -20.52 23.76
CA ASN A 281 16.63 -21.09 25.09
C ASN A 281 15.17 -21.13 25.57
N TYR A 282 14.64 -22.36 25.70
CA TYR A 282 13.28 -22.58 26.18
C TYR A 282 13.37 -22.60 27.70
N HIS A 283 12.73 -21.61 28.36
CA HIS A 283 12.77 -21.46 29.81
C HIS A 283 11.36 -21.52 30.40
N ASP A 284 11.27 -21.27 31.72
CA ASP A 284 10.07 -21.56 32.49
C ASP A 284 8.92 -20.59 32.25
N SER A 285 9.19 -19.47 31.57
CA SER A 285 8.15 -18.50 31.30
C SER A 285 8.05 -18.10 29.82
N GLY A 286 8.70 -18.89 28.94
CA GLY A 286 8.72 -18.63 27.51
C GLY A 286 10.01 -19.07 26.84
N ALA A 287 10.39 -18.32 25.78
CA ALA A 287 11.55 -18.61 24.97
C ALA A 287 12.33 -17.36 24.63
N THR A 288 13.66 -17.47 24.74
CA THR A 288 14.58 -16.42 24.34
C THR A 288 15.15 -16.81 23.00
N ILE A 289 14.97 -15.93 22.00
CA ILE A 289 15.21 -16.26 20.60
C ILE A 289 16.21 -15.28 20.06
N ARG A 290 17.40 -15.77 19.69
CA ARG A 290 18.38 -15.00 18.94
C ARG A 290 18.28 -15.38 17.47
N PHE A 291 18.28 -14.37 16.60
CA PHE A 291 18.13 -14.59 15.17
C PHE A 291 19.03 -13.66 14.40
N SER A 292 19.37 -14.08 13.18
CA SER A 292 19.98 -13.24 12.17
C SER A 292 18.98 -13.08 11.00
N SER A 293 19.11 -11.99 10.25
CA SER A 293 18.28 -11.77 9.07
C SER A 293 18.89 -10.78 8.12
N SER A 294 18.41 -10.77 6.87
CA SER A 294 18.87 -9.80 5.91
C SER A 294 18.57 -8.35 6.36
N TRP A 295 17.69 -8.17 7.34
CA TRP A 295 17.41 -6.86 7.92
C TRP A 295 18.26 -6.55 9.15
N GLY A 296 19.11 -7.50 9.56
CA GLY A 296 19.91 -7.40 10.77
C GLY A 296 19.49 -8.38 11.83
N ASP A 297 20.30 -8.42 12.90
CA ASP A 297 20.20 -9.41 13.96
C ASP A 297 19.57 -8.85 15.21
N GLY A 298 19.25 -9.72 16.16
CA GLY A 298 18.51 -9.32 17.34
C GLY A 298 18.20 -10.45 18.28
N GLU A 299 17.51 -10.11 19.37
CA GLU A 299 17.10 -11.07 20.37
C GLU A 299 15.73 -10.69 20.86
N ILE A 300 14.82 -11.67 20.92
CA ILE A 300 13.46 -11.49 21.37
C ILE A 300 13.20 -12.35 22.60
N GLU A 301 12.46 -11.79 23.57
CA GLU A 301 11.81 -12.56 24.63
C GLU A 301 10.36 -12.85 24.26
N SER A 302 10.07 -14.10 23.89
CA SER A 302 8.72 -14.54 23.60
C SER A 302 8.09 -15.12 24.85
N HIS A 303 6.83 -14.77 25.11
CA HIS A 303 6.04 -15.34 26.20
C HIS A 303 5.15 -16.51 25.71
N LEU A 304 5.48 -17.04 24.52
CA LEU A 304 4.85 -18.23 23.94
C LEU A 304 5.70 -19.43 24.26
N MET A 305 5.03 -20.58 24.34
CA MET A 305 5.65 -21.86 24.68
C MET A 305 5.75 -22.78 23.45
N GLY A 306 6.88 -23.47 23.32
CA GLY A 306 7.10 -24.51 22.33
C GLY A 306 7.82 -24.05 21.07
N ALA A 307 8.35 -25.03 20.34
CA ALA A 307 9.10 -24.81 19.11
C ALA A 307 8.25 -24.28 17.97
N PHE A 308 7.04 -24.84 17.82
CA PHE A 308 6.14 -24.41 16.75
C PHE A 308 5.79 -22.93 16.87
N ASN A 309 5.66 -22.45 18.11
CA ASN A 309 5.37 -21.05 18.38
C ASN A 309 6.56 -20.11 18.18
N VAL A 310 7.79 -20.63 18.30
CA VAL A 310 8.97 -19.88 17.86
C VAL A 310 8.81 -19.67 16.36
N SER A 311 8.55 -20.76 15.64
CA SER A 311 8.38 -20.71 14.22
C SER A 311 7.29 -19.69 13.78
N ASN A 312 6.12 -19.76 14.40
CA ASN A 312 5.03 -18.82 14.10
C ASN A 312 5.45 -17.38 14.35
N LEU A 313 6.16 -17.14 15.46
CA LEU A 313 6.62 -15.80 15.81
C LEU A 313 7.61 -15.28 14.77
N LEU A 314 8.54 -16.14 14.35
CA LEU A 314 9.53 -15.77 13.33
C LEU A 314 8.90 -15.49 11.96
N LEU A 315 7.84 -16.24 11.61
CA LEU A 315 7.08 -15.94 10.41
C LEU A 315 6.40 -14.56 10.48
N ALA A 316 5.76 -14.28 11.61
CA ALA A 316 5.16 -12.94 11.82
C ALA A 316 6.20 -11.83 11.72
N LEU A 317 7.37 -12.05 12.32
CA LEU A 317 8.47 -11.06 12.28
C LEU A 317 8.98 -10.80 10.85
N ALA A 318 9.28 -11.89 10.14
CA ALA A 318 9.76 -11.81 8.79
C ALA A 318 8.75 -11.11 7.89
N THR A 319 7.46 -11.38 8.10
CA THR A 319 6.39 -10.76 7.31
C THR A 319 6.36 -9.24 7.53
N LEU A 320 6.46 -8.84 8.78
CA LEU A 320 6.36 -7.44 9.11
C LEU A 320 7.61 -6.71 8.63
N LEU A 321 8.79 -7.33 8.79
CA LEU A 321 10.02 -6.78 8.25
C LEU A 321 9.88 -6.56 6.75
N ALA A 322 9.41 -7.61 6.04
CA ALA A 322 9.19 -7.58 4.59
C ALA A 322 8.29 -6.43 4.14
N LEU A 323 7.26 -6.11 4.94
CA LEU A 323 6.34 -5.03 4.64
C LEU A 323 6.90 -3.65 5.06
N GLY A 324 8.10 -3.62 5.65
CA GLY A 324 8.79 -2.38 5.92
C GLY A 324 8.59 -1.81 7.31
N TYR A 325 8.08 -2.62 8.26
CA TYR A 325 8.06 -2.23 9.65
C TYR A 325 9.48 -2.31 10.17
N PRO A 326 9.99 -1.25 10.86
CA PRO A 326 11.39 -1.23 11.28
C PRO A 326 11.75 -2.26 12.36
N LEU A 327 12.83 -2.99 12.13
CA LEU A 327 13.35 -3.98 13.05
C LEU A 327 13.39 -3.47 14.50
N ALA A 328 13.92 -2.27 14.70
CA ALA A 328 14.11 -1.74 16.05
C ALA A 328 12.75 -1.62 16.79
N ASP A 329 11.70 -1.20 16.08
CA ASP A 329 10.37 -1.06 16.68
C ASP A 329 9.70 -2.40 16.95
N LEU A 330 9.90 -3.37 16.04
CA LEU A 330 9.41 -4.72 16.23
C LEU A 330 10.07 -5.36 17.45
N LEU A 331 11.39 -5.22 17.56
CA LEU A 331 12.14 -5.67 18.75
C LEU A 331 11.62 -5.07 20.08
N LYS A 332 11.38 -3.76 20.09
CA LYS A 332 10.95 -3.05 21.30
C LYS A 332 9.55 -3.47 21.75
N THR A 333 8.78 -4.09 20.86
CA THR A 333 7.41 -4.44 21.16
C THR A 333 7.15 -5.94 21.30
N ALA A 334 8.14 -6.77 20.98
CA ALA A 334 7.98 -8.25 20.94
C ALA A 334 7.49 -8.86 22.27
N ALA A 335 7.95 -8.27 23.39
CA ALA A 335 7.66 -8.75 24.74
C ALA A 335 6.18 -8.60 25.15
N ARG A 336 5.44 -7.75 24.43
CA ARG A 336 4.01 -7.56 24.70
C ARG A 336 3.12 -8.50 23.90
N LEU A 337 3.72 -9.30 23.02
CA LEU A 337 2.98 -10.30 22.27
C LEU A 337 2.47 -11.39 23.24
N GLN A 338 1.17 -11.71 23.13
CA GLN A 338 0.48 -12.61 24.03
C GLN A 338 0.11 -13.90 23.31
N PRO A 339 -0.08 -15.02 24.03
CA PRO A 339 -0.69 -16.22 23.42
C PRO A 339 -2.16 -16.00 23.20
N VAL A 340 -2.73 -16.76 22.27
CA VAL A 340 -4.15 -16.88 22.16
C VAL A 340 -4.60 -17.54 23.47
N CYS A 341 -5.62 -16.96 24.09
CA CYS A 341 -6.19 -17.44 25.35
C CYS A 341 -6.39 -18.97 25.28
N GLY A 342 -5.70 -19.68 26.18
CA GLY A 342 -5.88 -21.11 26.34
C GLY A 342 -5.18 -21.95 25.29
N ARG A 343 -4.19 -21.34 24.61
CA ARG A 343 -3.35 -22.06 23.65
C ARG A 343 -1.91 -21.96 24.15
N MET A 344 -1.45 -23.07 24.73
CA MET A 344 -0.16 -23.16 25.39
C MET A 344 0.10 -21.90 26.19
N GLU A 345 -0.88 -21.55 27.03
CA GLU A 345 -0.88 -20.29 27.78
C GLU A 345 -0.20 -20.51 29.12
N VAL A 346 0.95 -19.86 29.31
CA VAL A 346 1.78 -20.08 30.49
C VAL A 346 1.36 -19.21 31.66
N PHE A 347 1.29 -19.83 32.83
CA PHE A 347 1.06 -19.16 34.11
C PHE A 347 2.25 -19.52 34.97
N THR A 348 2.90 -18.48 35.49
CA THR A 348 4.03 -18.62 36.39
C THR A 348 3.78 -17.70 37.54
N ALA A 349 4.37 -18.06 38.66
CA ALA A 349 4.39 -17.19 39.77
C ALA A 349 5.74 -17.45 40.42
N PRO A 350 6.46 -16.37 40.82
CA PRO A 350 7.61 -16.48 41.71
C PRO A 350 7.58 -17.70 42.67
N GLY A 351 8.50 -18.66 42.45
CA GLY A 351 8.68 -19.81 43.32
C GLY A 351 7.65 -20.94 43.24
N LYS A 352 6.86 -20.96 42.15
CA LYS A 352 5.90 -22.05 41.92
C LYS A 352 6.25 -22.79 40.64
N PRO A 353 5.74 -24.02 40.42
CA PRO A 353 5.85 -24.68 39.12
C PRO A 353 5.28 -23.84 37.97
N THR A 354 5.89 -23.93 36.80
CA THR A 354 5.29 -23.41 35.58
C THR A 354 4.02 -24.20 35.27
N VAL A 355 2.93 -23.49 34.96
CA VAL A 355 1.66 -24.14 34.59
C VAL A 355 1.21 -23.65 33.22
N VAL A 356 0.84 -24.60 32.35
CA VAL A 356 0.41 -24.31 31.00
C VAL A 356 -1.00 -24.82 30.79
N VAL A 357 -1.89 -23.92 30.40
CA VAL A 357 -3.27 -24.25 30.07
C VAL A 357 -3.40 -24.35 28.56
N ASP A 358 -3.77 -25.54 28.07
CA ASP A 358 -3.96 -25.77 26.65
C ASP A 358 -5.25 -26.50 26.38
N TYR A 359 -5.86 -26.20 25.24
CA TYR A 359 -7.14 -26.81 24.90
C TYR A 359 -7.03 -28.22 24.32
N ALA A 360 -5.81 -28.71 24.11
CA ALA A 360 -5.59 -30.09 23.59
C ALA A 360 -6.57 -31.11 24.17
N HIS A 361 -7.40 -31.67 23.28
CA HIS A 361 -8.43 -32.63 23.62
C HIS A 361 -8.53 -33.84 22.67
N THR A 362 -7.49 -34.06 21.85
CA THR A 362 -7.36 -35.25 21.01
C THR A 362 -5.96 -35.82 21.25
N PRO A 363 -5.68 -37.08 20.86
CA PRO A 363 -4.35 -37.65 21.08
C PRO A 363 -3.22 -36.85 20.43
N ASP A 364 -3.40 -36.47 19.15
CA ASP A 364 -2.45 -35.64 18.42
C ASP A 364 -2.09 -34.32 19.12
N ALA A 365 -3.13 -33.55 19.46
CA ALA A 365 -2.95 -32.26 20.11
C ALA A 365 -2.25 -32.42 21.49
N LEU A 366 -2.65 -33.45 22.24
CA LEU A 366 -2.09 -33.72 23.53
C LEU A 366 -0.58 -34.04 23.43
N GLU A 367 -0.23 -34.85 22.42
CA GLU A 367 1.16 -35.22 22.18
C GLU A 367 1.99 -33.97 21.86
N LYS A 368 1.48 -33.14 20.94
CA LYS A 368 2.13 -31.90 20.55
C LYS A 368 2.33 -30.99 21.76
N ALA A 369 1.29 -30.81 22.57
CA ALA A 369 1.35 -29.92 23.74
C ALA A 369 2.38 -30.39 24.79
N LEU A 370 2.47 -31.71 24.99
CA LEU A 370 3.43 -32.32 25.93
C LEU A 370 4.86 -32.14 25.43
N GLN A 371 5.08 -32.42 24.15
CA GLN A 371 6.39 -32.23 23.51
C GLN A 371 6.85 -30.78 23.61
N ALA A 372 5.91 -29.86 23.39
CA ALA A 372 6.16 -28.44 23.45
C ALA A 372 6.51 -28.04 24.90
N ALA A 373 5.72 -28.52 25.86
CA ALA A 373 5.91 -28.20 27.27
C ALA A 373 7.24 -28.77 27.80
N ARG A 374 7.63 -29.94 27.29
CA ARG A 374 8.82 -30.61 27.72
C ARG A 374 10.08 -29.77 27.50
N LEU A 375 10.10 -29.00 26.41
CA LEU A 375 11.25 -28.14 26.07
C LEU A 375 11.54 -27.14 27.19
N HIS A 376 10.51 -26.75 27.94
CA HIS A 376 10.61 -25.73 28.96
C HIS A 376 10.78 -26.32 30.36
N CYS A 377 10.83 -27.64 30.47
CA CYS A 377 10.73 -28.33 31.75
C CYS A 377 12.08 -28.92 32.14
N ALA A 378 12.70 -28.32 33.16
CA ALA A 378 13.92 -28.82 33.79
C ALA A 378 13.62 -30.03 34.70
N GLY A 379 12.49 -29.98 35.40
CA GLY A 379 12.07 -31.02 36.34
C GLY A 379 11.19 -32.08 35.69
N LYS A 380 10.11 -32.45 36.40
CA LYS A 380 9.11 -33.39 35.91
C LYS A 380 7.98 -32.65 35.19
N LEU A 381 7.47 -33.26 34.13
CA LEU A 381 6.32 -32.76 33.37
C LEU A 381 5.06 -33.52 33.85
N TRP A 382 4.12 -32.77 34.45
CA TRP A 382 2.82 -33.31 34.85
C TRP A 382 1.77 -32.99 33.78
N CYS A 383 0.82 -33.89 33.60
CA CYS A 383 -0.26 -33.72 32.64
C CYS A 383 -1.59 -34.01 33.32
N VAL A 384 -2.42 -32.96 33.47
CA VAL A 384 -3.73 -33.07 34.05
C VAL A 384 -4.75 -33.00 32.91
N PHE A 385 -5.54 -34.06 32.78
CA PHE A 385 -6.50 -34.21 31.69
C PHE A 385 -7.59 -35.24 31.96
N GLY A 386 -8.63 -35.19 31.12
CA GLY A 386 -9.73 -36.12 31.11
C GLY A 386 -10.34 -36.14 29.72
N CYS A 387 -11.49 -36.80 29.56
CA CYS A 387 -12.17 -36.93 28.27
C CYS A 387 -13.68 -36.74 28.40
N GLY A 388 -14.28 -36.14 27.37
CA GLY A 388 -15.69 -35.83 27.35
C GLY A 388 -16.54 -37.07 27.46
N GLY A 389 -17.59 -36.97 28.27
CA GLY A 389 -18.56 -38.04 28.45
C GLY A 389 -19.66 -37.90 27.37
N ASP A 390 -20.36 -39.01 27.10
CA ASP A 390 -21.44 -39.07 26.06
C ASP A 390 -20.99 -38.66 24.64
N ARG A 391 -19.70 -38.84 24.35
CA ARG A 391 -19.07 -38.53 23.09
C ARG A 391 -18.33 -39.78 22.70
N ASP A 392 -17.76 -39.79 21.49
CA ASP A 392 -16.98 -40.90 20.96
C ASP A 392 -15.90 -41.30 21.98
N LYS A 393 -15.78 -42.61 22.22
CA LYS A 393 -14.93 -43.15 23.25
C LYS A 393 -13.52 -43.49 22.81
N GLY A 394 -13.30 -43.55 21.48
CA GLY A 394 -12.12 -44.15 20.89
C GLY A 394 -10.81 -43.55 21.33
N LYS A 395 -10.83 -42.24 21.55
CA LYS A 395 -9.61 -41.51 21.89
C LYS A 395 -9.12 -41.70 23.33
N ARG A 396 -10.00 -42.20 24.19
CA ARG A 396 -9.69 -42.32 25.62
C ARG A 396 -8.40 -43.08 25.88
N PRO A 397 -8.25 -44.35 25.43
CA PRO A 397 -7.03 -45.10 25.73
C PRO A 397 -5.81 -44.54 24.97
N LEU A 398 -6.05 -43.89 23.82
CA LEU A 398 -4.99 -43.25 23.03
C LEU A 398 -4.40 -42.05 23.77
N MET A 399 -5.29 -41.18 24.28
CA MET A 399 -4.86 -40.06 25.13
C MET A 399 -4.18 -40.52 26.39
N GLY A 400 -4.66 -41.62 26.97
CA GLY A 400 -4.01 -42.29 28.09
C GLY A 400 -2.58 -42.68 27.80
N ALA A 401 -2.37 -43.36 26.66
CA ALA A 401 -1.02 -43.83 26.29
C ALA A 401 -0.08 -42.64 26.05
N ILE A 402 -0.60 -41.58 25.42
CA ILE A 402 0.17 -40.36 25.17
C ILE A 402 0.64 -39.68 26.46
N ALA A 403 -0.27 -39.50 27.41
CA ALA A 403 0.06 -38.92 28.72
C ALA A 403 1.15 -39.73 29.42
N GLU A 404 1.04 -41.06 29.36
CA GLU A 404 1.98 -41.97 30.00
C GLU A 404 3.39 -41.85 29.41
N GLU A 405 3.47 -41.87 28.07
CA GLU A 405 4.76 -41.76 27.38
C GLU A 405 5.43 -40.38 27.48
N PHE A 406 4.69 -39.32 27.13
CA PHE A 406 5.26 -37.97 27.00
C PHE A 406 5.25 -37.10 28.27
N ALA A 407 4.55 -37.54 29.32
CA ALA A 407 4.66 -36.92 30.62
C ALA A 407 5.31 -37.88 31.59
N ASP A 408 5.80 -37.34 32.71
CA ASP A 408 6.35 -38.09 33.84
C ASP A 408 5.26 -38.42 34.87
N VAL A 409 4.30 -37.51 35.07
CA VAL A 409 3.14 -37.76 35.90
C VAL A 409 1.83 -37.48 35.13
N ALA A 410 1.00 -38.51 35.00
CA ALA A 410 -0.31 -38.41 34.39
C ALA A 410 -1.34 -38.36 35.49
N VAL A 411 -2.08 -37.24 35.55
CA VAL A 411 -3.17 -37.07 36.49
C VAL A 411 -4.52 -37.08 35.72
N VAL A 412 -5.27 -38.17 35.85
CA VAL A 412 -6.50 -38.37 35.09
C VAL A 412 -7.66 -37.92 35.94
N THR A 413 -8.44 -37.00 35.38
CA THR A 413 -9.57 -36.39 36.06
C THR A 413 -10.74 -36.26 35.09
N ASP A 414 -11.73 -35.45 35.46
CA ASP A 414 -12.94 -35.26 34.68
C ASP A 414 -12.79 -34.06 33.75
N ASP A 415 -13.51 -34.13 32.62
CA ASP A 415 -13.64 -33.08 31.63
C ASP A 415 -14.99 -33.23 30.91
N ASN A 416 -16.00 -32.48 31.36
CA ASN A 416 -17.34 -32.53 30.80
C ASN A 416 -17.83 -33.98 30.73
N PRO A 417 -17.97 -34.67 31.87
CA PRO A 417 -18.46 -36.05 31.86
C PRO A 417 -19.95 -36.18 31.48
N ARG A 418 -20.69 -35.05 31.44
CA ARG A 418 -22.11 -35.01 31.03
C ARG A 418 -22.85 -36.06 31.81
N THR A 419 -23.65 -36.92 31.14
CA THR A 419 -24.48 -37.90 31.85
C THR A 419 -23.80 -39.24 32.10
N GLU A 420 -22.64 -39.45 31.48
CA GLU A 420 -21.84 -40.66 31.67
C GLU A 420 -21.12 -40.73 33.04
N GLU A 421 -21.01 -41.95 33.57
CA GLU A 421 -20.39 -42.17 34.85
C GLU A 421 -18.95 -41.70 34.77
N PRO A 422 -18.54 -40.69 35.58
CA PRO A 422 -17.21 -40.11 35.43
C PRO A 422 -16.08 -41.14 35.52
N ARG A 423 -16.17 -42.04 36.49
CA ARG A 423 -15.16 -43.07 36.67
C ARG A 423 -15.04 -44.06 35.48
N ALA A 424 -16.14 -44.31 34.77
CA ALA A 424 -16.13 -45.15 33.57
C ALA A 424 -15.22 -44.57 32.53
N ILE A 425 -15.31 -43.25 32.35
CA ILE A 425 -14.49 -42.53 31.38
C ILE A 425 -13.02 -42.68 31.77
N ILE A 426 -12.72 -42.46 33.04
CA ILE A 426 -11.37 -42.58 33.56
C ILE A 426 -10.81 -43.98 33.31
N ASN A 427 -11.60 -45.01 33.62
CA ASN A 427 -11.22 -46.42 33.38
C ASN A 427 -10.86 -46.67 31.89
N ASP A 428 -11.65 -46.09 30.98
CA ASP A 428 -11.35 -46.12 29.54
C ASP A 428 -10.02 -45.49 29.16
N ILE A 429 -9.64 -44.42 29.88
CA ILE A 429 -8.35 -43.75 29.68
C ILE A 429 -7.21 -44.64 30.17
N LEU A 430 -7.32 -45.14 31.41
CA LEU A 430 -6.32 -46.00 32.04
C LEU A 430 -6.07 -47.33 31.31
N ALA A 431 -7.13 -47.91 30.75
CA ALA A 431 -7.04 -49.15 29.95
C ALA A 431 -6.02 -49.00 28.83
N GLY A 432 -5.83 -47.76 28.36
CA GLY A 432 -4.84 -47.42 27.36
C GLY A 432 -3.39 -47.43 27.78
N MET A 433 -3.14 -47.48 29.08
CA MET A 433 -1.80 -47.41 29.62
C MET A 433 -1.14 -48.78 29.83
N LEU A 434 0.19 -48.81 29.71
CA LEU A 434 1.00 -49.98 29.97
C LEU A 434 1.04 -50.21 31.49
N ASP A 435 1.06 -49.11 32.26
CA ASP A 435 1.09 -49.20 33.70
C ASP A 435 0.15 -48.18 34.32
N ALA A 436 -1.16 -48.49 34.24
CA ALA A 436 -2.21 -47.67 34.82
C ALA A 436 -1.95 -47.35 36.28
N GLY A 437 -1.40 -48.35 37.01
CA GLY A 437 -1.06 -48.22 38.40
C GLY A 437 -0.20 -47.03 38.81
N HIS A 438 0.62 -46.53 37.88
CA HIS A 438 1.48 -45.35 38.10
C HIS A 438 0.79 -43.99 37.81
N ALA A 439 -0.35 -44.01 37.09
CA ALA A 439 -1.19 -42.83 36.90
C ALA A 439 -1.87 -42.42 38.21
N LYS A 440 -2.03 -41.11 38.42
CA LYS A 440 -2.80 -40.59 39.54
C LYS A 440 -4.18 -40.28 39.00
N VAL A 441 -5.20 -40.68 39.76
CA VAL A 441 -6.56 -40.39 39.43
C VAL A 441 -7.05 -39.46 40.52
N MET A 442 -7.65 -38.33 40.12
N MET A 442 -7.68 -38.35 40.12
CA MET A 442 -8.34 -37.46 41.06
CA MET A 442 -8.33 -37.44 41.03
C MET A 442 -9.58 -36.86 40.41
C MET A 442 -9.58 -36.86 40.41
N GLU A 443 -10.73 -37.23 40.97
CA GLU A 443 -12.02 -36.79 40.47
C GLU A 443 -12.40 -35.52 41.21
N GLY A 444 -13.13 -34.66 40.48
CA GLY A 444 -13.18 -33.25 40.76
C GLY A 444 -12.01 -32.72 39.98
N ARG A 445 -12.29 -32.07 38.85
CA ARG A 445 -11.26 -31.47 38.02
C ARG A 445 -10.47 -30.41 38.79
N ALA A 446 -11.19 -29.53 39.49
CA ALA A 446 -10.59 -28.49 40.33
C ALA A 446 -9.56 -29.08 41.34
N GLU A 447 -9.96 -30.17 42.02
CA GLU A 447 -9.13 -30.88 42.99
C GLU A 447 -7.90 -31.51 42.32
N ALA A 448 -8.08 -32.03 41.10
CA ALA A 448 -7.00 -32.65 40.35
C ALA A 448 -5.96 -31.65 39.93
N VAL A 449 -6.41 -30.51 39.38
CA VAL A 449 -5.53 -29.41 39.04
C VAL A 449 -4.74 -28.94 40.28
N THR A 450 -5.45 -28.78 41.39
CA THR A 450 -4.85 -28.35 42.66
C THR A 450 -3.75 -29.32 43.10
N CYS A 451 -4.03 -30.62 43.00
CA CYS A 451 -3.12 -31.69 43.36
C CYS A 451 -1.82 -31.60 42.58
N ALA A 452 -1.93 -31.37 41.26
CA ALA A 452 -0.76 -31.21 40.43
C ALA A 452 0.00 -29.95 40.77
N VAL A 453 -0.70 -28.81 40.84
CA VAL A 453 -0.05 -27.53 41.03
C VAL A 453 0.68 -27.46 42.39
N MET A 454 0.09 -28.05 43.43
CA MET A 454 0.61 -28.00 44.78
C MET A 454 1.63 -29.10 45.10
N GLN A 455 1.62 -30.21 44.35
CA GLN A 455 2.61 -31.26 44.58
C GLN A 455 3.86 -31.06 43.72
N ALA A 456 3.69 -30.46 42.53
CA ALA A 456 4.80 -30.26 41.62
C ALA A 456 5.90 -29.38 42.24
N LYS A 457 7.16 -29.67 41.91
CA LYS A 457 8.33 -28.83 42.32
C LYS A 457 8.43 -27.52 41.53
N GLU A 458 9.30 -26.63 42.02
CA GLU A 458 9.48 -25.29 41.49
C GLU A 458 9.88 -25.27 40.01
N ASN A 459 10.58 -26.30 39.55
CA ASN A 459 10.98 -26.38 38.15
C ASN A 459 10.33 -27.53 37.36
N ASP A 460 9.18 -28.00 37.85
CA ASP A 460 8.32 -28.94 37.16
C ASP A 460 7.46 -28.09 36.25
N VAL A 461 6.80 -28.73 35.29
CA VAL A 461 5.83 -28.05 34.43
C VAL A 461 4.56 -28.88 34.56
N VAL A 462 3.44 -28.20 34.79
CA VAL A 462 2.14 -28.83 34.84
C VAL A 462 1.35 -28.37 33.62
N LEU A 463 1.05 -29.31 32.74
CA LEU A 463 0.16 -29.06 31.61
C LEU A 463 -1.24 -29.45 32.02
N VAL A 464 -2.18 -28.50 31.90
CA VAL A 464 -3.60 -28.70 32.17
C VAL A 464 -4.35 -28.62 30.85
N ALA A 465 -4.72 -29.79 30.34
CA ALA A 465 -5.18 -29.99 28.97
C ALA A 465 -6.67 -30.28 28.90
N GLY A 466 -7.31 -29.73 27.87
CA GLY A 466 -8.63 -30.18 27.45
C GLY A 466 -9.64 -29.10 27.31
N LYS A 467 -9.44 -27.99 28.03
CA LYS A 467 -10.42 -26.93 28.13
C LYS A 467 -9.96 -25.62 27.55
N GLY A 468 -8.67 -25.31 27.71
CA GLY A 468 -8.11 -24.07 27.21
C GLY A 468 -8.82 -22.83 27.74
N HIS A 469 -9.52 -22.13 26.84
CA HIS A 469 -10.23 -20.88 27.14
C HIS A 469 -11.62 -21.06 27.80
N GLU A 470 -12.19 -22.27 27.67
CA GLU A 470 -13.56 -22.53 28.14
C GLU A 470 -13.75 -22.30 29.63
N ASP A 471 -14.98 -21.93 30.01
CA ASP A 471 -15.28 -21.47 31.37
C ASP A 471 -16.45 -22.24 31.99
N TYR A 472 -16.59 -23.50 31.57
CA TYR A 472 -17.66 -24.37 32.04
C TYR A 472 -17.22 -25.84 32.13
N GLN A 473 -17.83 -26.56 33.08
CA GLN A 473 -17.67 -28.00 33.25
C GLN A 473 -19.09 -28.56 33.26
N ILE A 474 -19.42 -29.37 32.25
CA ILE A 474 -20.76 -29.96 32.12
C ILE A 474 -20.85 -31.28 32.90
N VAL A 475 -21.56 -31.22 34.03
CA VAL A 475 -21.80 -32.37 34.90
C VAL A 475 -23.31 -32.59 35.00
N GLY A 476 -23.77 -33.71 34.43
CA GLY A 476 -25.19 -33.97 34.25
C GLY A 476 -25.69 -33.12 33.10
N ASN A 477 -26.75 -32.34 33.36
CA ASN A 477 -27.33 -31.41 32.39
C ASN A 477 -26.82 -29.98 32.60
N GLN A 478 -26.14 -29.74 33.74
CA GLN A 478 -25.69 -28.41 34.16
C GLN A 478 -24.36 -27.99 33.55
N ARG A 479 -24.28 -26.72 33.13
CA ARG A 479 -23.01 -26.04 32.88
C ARG A 479 -22.65 -25.26 34.13
N LEU A 480 -21.83 -25.85 35.00
CA LEU A 480 -21.30 -25.17 36.17
C LEU A 480 -20.21 -24.22 35.73
N ASP A 481 -20.05 -23.11 36.46
CA ASP A 481 -18.99 -22.12 36.25
C ASP A 481 -17.67 -22.72 36.74
N TYR A 482 -16.76 -22.96 35.80
CA TYR A 482 -15.46 -23.51 36.11
C TYR A 482 -14.48 -23.15 35.02
N SER A 483 -13.31 -22.66 35.44
CA SER A 483 -12.25 -22.32 34.52
C SER A 483 -10.92 -22.91 35.03
N ASP A 484 -10.22 -23.64 34.16
CA ASP A 484 -8.85 -24.07 34.42
C ASP A 484 -7.96 -22.84 34.64
N ARG A 485 -8.16 -21.80 33.82
CA ARG A 485 -7.35 -20.59 33.87
C ARG A 485 -7.50 -19.88 35.20
N VAL A 486 -8.76 -19.70 35.63
CA VAL A 486 -9.04 -19.08 36.90
C VAL A 486 -8.54 -19.96 38.05
N THR A 487 -8.71 -21.28 37.94
CA THR A 487 -8.30 -22.19 39.01
C THR A 487 -6.78 -22.11 39.22
N VAL A 488 -6.05 -22.19 38.10
CA VAL A 488 -4.61 -22.12 38.10
C VAL A 488 -4.16 -20.76 38.67
N ALA A 489 -4.75 -19.68 38.15
CA ALA A 489 -4.41 -18.29 38.51
C ALA A 489 -4.55 -18.05 40.01
N ARG A 490 -5.67 -18.53 40.57
CA ARG A 490 -5.94 -18.46 41.99
C ARG A 490 -4.89 -19.21 42.81
N LEU A 491 -4.55 -20.44 42.41
CA LEU A 491 -3.58 -21.25 43.14
C LEU A 491 -2.19 -20.65 43.13
N LEU A 492 -1.83 -19.98 42.04
CA LEU A 492 -0.52 -19.34 41.90
C LEU A 492 -0.46 -17.90 42.48
N GLY A 493 -1.62 -17.36 42.90
CA GLY A 493 -1.72 -16.00 43.39
C GLY A 493 -1.44 -14.94 42.33
N VAL A 494 -2.06 -15.12 41.15
CA VAL A 494 -1.99 -14.18 40.03
C VAL A 494 -3.40 -13.90 39.46
N ILE A 495 -3.47 -13.13 38.38
CA ILE A 495 -4.73 -12.81 37.68
C ILE A 495 -4.78 -13.54 36.32
N ALA A 496 -5.95 -14.09 35.98
CA ALA A 496 -6.20 -14.80 34.73
C ALA A 496 -6.61 -13.80 33.66
N ARG B 5 7.50 12.53 19.73
CA ARG B 5 8.89 12.65 19.18
C ARG B 5 9.98 12.65 20.26
N ASN B 6 10.80 11.59 20.24
CA ASN B 6 11.88 11.37 21.19
C ASN B 6 13.17 11.02 20.45
N LEU B 7 14.29 11.58 20.92
CA LEU B 7 15.61 11.41 20.32
C LEU B 7 15.97 9.95 20.27
N ARG B 8 15.70 9.25 21.38
CA ARG B 8 16.03 7.85 21.55
C ARG B 8 15.29 6.98 20.50
N ASP B 9 14.00 7.23 20.33
CA ASP B 9 13.21 6.46 19.37
C ASP B 9 13.56 6.85 17.94
N LEU B 10 13.78 8.15 17.70
CA LEU B 10 14.26 8.64 16.41
C LEU B 10 15.50 7.86 15.91
N LEU B 11 16.49 7.71 16.80
CA LEU B 11 17.78 7.10 16.47
C LEU B 11 17.89 5.57 16.65
N ALA B 12 16.84 4.93 17.16
CA ALA B 12 16.88 3.51 17.51
C ALA B 12 17.39 2.60 16.40
N PRO B 13 16.98 2.76 15.12
CA PRO B 13 17.52 1.91 14.05
C PRO B 13 19.04 2.00 13.85
N TRP B 14 19.64 3.12 14.28
CA TRP B 14 21.06 3.44 14.01
C TRP B 14 21.94 3.55 15.27
N VAL B 15 21.42 4.19 16.33
CA VAL B 15 22.20 4.51 17.54
C VAL B 15 21.45 3.95 18.76
N PRO B 16 21.79 2.71 19.18
CA PRO B 16 21.07 2.05 20.26
C PRO B 16 21.21 2.75 21.63
N ASP B 17 22.32 3.47 21.82
CA ASP B 17 22.63 4.05 23.10
C ASP B 17 22.05 5.44 23.30
N ALA B 18 21.38 5.97 22.26
CA ALA B 18 20.99 7.38 22.26
C ALA B 18 20.11 7.72 23.46
N PRO B 19 20.36 8.86 24.14
CA PRO B 19 19.52 9.30 25.26
C PRO B 19 18.10 9.68 24.87
N SER B 20 17.23 9.66 25.88
CA SER B 20 15.82 9.99 25.78
C SER B 20 15.61 11.51 25.97
N ARG B 21 15.02 12.16 24.97
CA ARG B 21 14.72 13.60 25.02
C ARG B 21 13.53 13.87 24.14
N ALA B 22 12.51 14.53 24.70
CA ALA B 22 11.38 15.01 23.92
C ALA B 22 11.91 16.06 22.94
N LEU B 23 11.44 15.96 21.70
CA LEU B 23 11.86 16.83 20.61
C LEU B 23 10.63 17.55 20.09
N ARG B 24 10.82 18.80 19.69
CA ARG B 24 9.73 19.65 19.28
C ARG B 24 9.67 19.65 17.75
N GLU B 25 10.42 20.54 17.11
CA GLU B 25 10.57 20.54 15.66
C GLU B 25 12.01 20.17 15.26
N MET B 26 12.19 19.72 14.01
CA MET B 26 13.50 19.35 13.46
C MET B 26 13.90 20.40 12.43
N THR B 27 15.11 20.96 12.57
CA THR B 27 15.55 22.09 11.74
C THR B 27 17.05 22.08 11.40
N LEU B 28 17.37 22.51 10.17
CA LEU B 28 18.73 22.69 9.66
C LEU B 28 19.28 24.10 9.95
N ASP B 29 18.38 25.03 10.28
CA ASP B 29 18.74 26.43 10.44
C ASP B 29 18.91 26.85 11.92
N SER B 30 20.15 27.10 12.33
CA SER B 30 20.46 27.48 13.73
C SER B 30 19.75 28.75 14.16
N ARG B 31 19.46 29.63 13.19
CA ARG B 31 18.74 30.88 13.41
C ARG B 31 17.35 30.61 13.95
N VAL B 32 16.58 29.80 13.21
CA VAL B 32 15.21 29.48 13.59
C VAL B 32 15.17 28.43 14.71
N ALA B 33 13.93 28.15 15.13
CA ALA B 33 13.54 27.35 16.28
C ALA B 33 14.63 26.97 17.31
N ALA B 34 14.47 27.57 18.51
CA ALA B 34 15.28 27.32 19.68
C ALA B 34 14.76 26.11 20.51
N ALA B 35 13.96 26.38 21.56
CA ALA B 35 13.84 25.49 22.71
C ALA B 35 13.06 24.23 22.41
N GLY B 36 13.61 23.10 22.86
CA GLY B 36 13.00 21.79 22.65
C GLY B 36 13.21 21.18 21.26
N ASP B 37 13.78 21.96 20.34
CA ASP B 37 14.01 21.50 18.97
C ASP B 37 15.18 20.56 18.82
N LEU B 38 15.20 19.86 17.69
CA LEU B 38 16.34 19.09 17.23
C LEU B 38 17.02 19.90 16.14
N PHE B 39 18.27 20.27 16.39
CA PHE B 39 19.08 20.97 15.41
C PHE B 39 19.96 19.95 14.70
N VAL B 40 19.96 19.99 13.37
CA VAL B 40 20.81 19.12 12.57
C VAL B 40 21.87 19.98 11.90
N ALA B 41 23.13 19.67 12.17
CA ALA B 41 24.28 20.43 11.67
C ALA B 41 24.97 19.67 10.54
N VAL B 42 24.73 20.11 9.30
CA VAL B 42 25.26 19.44 8.11
C VAL B 42 26.35 20.28 7.45
N VAL B 43 27.24 19.59 6.72
CA VAL B 43 28.32 20.22 5.93
C VAL B 43 27.85 20.30 4.51
N GLY B 44 27.84 21.51 3.96
CA GLY B 44 27.48 21.74 2.57
C GLY B 44 28.51 22.57 1.82
N HIS B 45 28.11 23.03 0.63
CA HIS B 45 28.90 23.90 -0.24
C HIS B 45 29.16 25.26 0.44
N GLN B 46 28.07 25.95 0.77
CA GLN B 46 28.06 27.17 1.57
C GLN B 46 29.07 27.11 2.75
N ALA B 47 28.85 26.18 3.69
CA ALA B 47 29.70 25.98 4.86
C ALA B 47 29.20 24.84 5.78
N ASP B 48 29.36 25.05 7.10
CA ASP B 48 29.38 24.01 8.10
C ASP B 48 28.47 24.38 9.28
N GLY B 49 27.29 23.75 9.33
CA GLY B 49 26.35 23.89 10.42
C GLY B 49 26.92 23.62 11.81
N ARG B 50 27.98 22.80 11.87
CA ARG B 50 28.67 22.49 13.13
C ARG B 50 29.21 23.70 13.86
N ARG B 51 29.57 24.74 13.10
CA ARG B 51 30.09 25.97 13.68
C ARG B 51 28.98 26.70 14.47
N TYR B 52 27.71 26.46 14.07
CA TYR B 52 26.54 27.01 14.76
C TYR B 52 25.97 26.17 15.92
N ILE B 53 26.73 25.15 16.35
CA ILE B 53 26.35 24.30 17.49
C ILE B 53 26.24 25.09 18.80
N PRO B 54 27.23 25.96 19.15
CA PRO B 54 27.15 26.74 20.39
C PRO B 54 25.97 27.72 20.39
N GLN B 55 25.72 28.37 19.23
CA GLN B 55 24.53 29.21 19.02
C GLN B 55 23.28 28.48 19.47
N ALA B 56 22.99 27.34 18.81
CA ALA B 56 21.79 26.54 19.03
C ALA B 56 21.64 26.05 20.47
N ILE B 57 22.75 25.61 21.06
CA ILE B 57 22.82 25.22 22.47
C ILE B 57 22.38 26.36 23.40
N ALA B 58 22.80 27.59 23.05
CA ALA B 58 22.46 28.80 23.79
C ALA B 58 21.00 29.17 23.57
N GLN B 59 20.45 28.76 22.44
CA GLN B 59 19.04 28.99 22.14
C GLN B 59 18.17 27.91 22.79
N GLY B 60 18.79 26.90 23.39
CA GLY B 60 18.12 25.86 24.17
C GLY B 60 17.52 24.67 23.40
N VAL B 61 18.11 24.31 22.26
CA VAL B 61 17.74 23.09 21.55
C VAL B 61 17.86 21.87 22.48
N ALA B 62 16.95 20.90 22.30
CA ALA B 62 16.88 19.71 23.17
C ALA B 62 17.95 18.70 22.80
N ALA B 63 18.35 18.68 21.52
CA ALA B 63 19.40 17.78 21.04
C ALA B 63 19.94 18.22 19.69
N ILE B 64 21.12 17.69 19.34
CA ILE B 64 21.80 17.98 18.08
C ILE B 64 22.33 16.70 17.43
N ILE B 65 22.12 16.61 16.11
CA ILE B 65 22.69 15.58 15.26
C ILE B 65 23.61 16.30 14.28
N ALA B 66 24.86 15.84 14.23
CA ALA B 66 25.95 16.54 13.53
C ALA B 66 26.79 15.62 12.62
N GLU B 67 27.31 16.21 11.54
CA GLU B 67 28.18 15.47 10.59
C GLU B 67 29.42 15.05 11.36
N ALA B 68 29.75 13.74 11.31
CA ALA B 68 30.87 13.17 12.07
C ALA B 68 32.25 13.36 11.40
N LYS B 69 32.23 13.61 10.08
CA LYS B 69 33.40 13.83 9.25
C LYS B 69 34.51 14.66 9.93
N ASP B 70 35.64 14.01 10.22
CA ASP B 70 36.85 14.62 10.82
C ASP B 70 36.80 14.89 12.31
N GLU B 71 35.60 14.91 12.88
CA GLU B 71 35.43 15.32 14.27
C GLU B 71 35.01 14.20 15.19
N ALA B 72 34.37 13.17 14.64
CA ALA B 72 33.85 12.07 15.43
C ALA B 72 33.66 10.80 14.65
N THR B 73 33.45 9.71 15.39
CA THR B 73 33.09 8.43 14.81
C THR B 73 31.56 8.41 14.60
N ASP B 74 31.11 7.60 13.62
CA ASP B 74 29.70 7.42 13.32
C ASP B 74 28.94 6.83 14.51
N GLY B 75 27.94 7.58 15.00
CA GLY B 75 27.18 7.17 16.16
C GLY B 75 27.76 7.60 17.49
N GLU B 76 28.79 8.44 17.48
CA GLU B 76 29.37 8.93 18.71
C GLU B 76 28.40 9.90 19.40
N ILE B 77 28.10 9.61 20.66
CA ILE B 77 27.23 10.38 21.53
C ILE B 77 28.08 11.24 22.48
N ARG B 78 28.01 12.57 22.32
CA ARG B 78 28.64 13.55 23.20
C ARG B 78 27.61 14.48 23.84
N GLU B 79 28.07 15.35 24.74
CA GLU B 79 27.22 16.24 25.50
C GLU B 79 27.92 17.59 25.69
N MET B 80 27.32 18.65 25.15
CA MET B 80 27.83 20.03 25.26
C MET B 80 26.80 20.90 26.01
N HIS B 81 27.28 21.57 27.06
CA HIS B 81 26.47 21.91 28.21
C HIS B 81 25.73 20.62 28.62
N GLY B 82 24.39 20.68 28.65
CA GLY B 82 23.58 19.55 29.01
C GLY B 82 23.04 18.81 27.81
N VAL B 83 23.11 19.46 26.62
CA VAL B 83 22.46 18.97 25.43
C VAL B 83 23.28 17.87 24.74
N PRO B 84 22.69 16.68 24.47
CA PRO B 84 23.39 15.64 23.71
C PRO B 84 23.64 16.03 22.25
N VAL B 85 24.86 15.75 21.77
CA VAL B 85 25.26 15.96 20.38
C VAL B 85 25.67 14.60 19.85
N ILE B 86 25.03 14.18 18.76
CA ILE B 86 25.23 12.85 18.19
C ILE B 86 25.72 12.98 16.77
N TYR B 87 26.81 12.28 16.47
CA TYR B 87 27.50 12.39 15.21
C TYR B 87 27.19 11.20 14.32
N LEU B 88 26.88 11.49 13.06
CA LEU B 88 26.57 10.49 12.04
C LEU B 88 27.37 10.85 10.80
N SER B 89 28.05 9.86 10.23
N SER B 89 28.05 9.86 10.23
CA SER B 89 28.77 10.05 8.99
C SER B 89 27.77 10.00 7.82
N GLN B 90 28.13 10.70 6.73
CA GLN B 90 27.34 10.73 5.51
C GLN B 90 25.92 11.24 5.82
N LEU B 91 25.85 12.25 6.69
CA LEU B 91 24.60 12.80 7.20
C LEU B 91 23.69 13.32 6.09
N ASN B 92 24.29 13.88 5.04
CA ASN B 92 23.57 14.38 3.88
C ASN B 92 22.77 13.26 3.21
N GLU B 93 23.38 12.08 3.08
CA GLU B 93 22.74 10.91 2.48
C GLU B 93 21.62 10.34 3.33
N ARG B 94 21.74 10.50 4.65
CA ARG B 94 20.86 9.88 5.62
C ARG B 94 19.78 10.81 6.15
N LEU B 95 19.85 12.08 5.76
CA LEU B 95 18.93 13.11 6.23
C LEU B 95 17.47 12.77 5.90
N SER B 96 17.23 12.30 4.67
CA SER B 96 15.87 11.96 4.26
C SER B 96 15.28 10.87 5.18
N ALA B 97 16.08 9.85 5.48
CA ALA B 97 15.63 8.76 6.33
C ALA B 97 15.41 9.23 7.78
N LEU B 98 16.29 10.13 8.24
CA LEU B 98 16.23 10.64 9.59
C LEU B 98 14.94 11.43 9.76
N ALA B 99 14.71 12.33 8.81
CA ALA B 99 13.51 13.13 8.73
C ALA B 99 12.23 12.29 8.53
N GLY B 100 12.33 11.25 7.69
CA GLY B 100 11.23 10.30 7.52
C GLY B 100 10.73 9.73 8.83
N ARG B 101 11.67 9.25 9.64
CA ARG B 101 11.34 8.64 10.92
C ARG B 101 10.79 9.70 11.88
N PHE B 102 11.44 10.86 11.92
CA PHE B 102 10.96 11.98 12.72
C PHE B 102 9.48 12.31 12.46
N TYR B 103 9.07 12.35 11.19
CA TYR B 103 7.70 12.74 10.82
C TYR B 103 6.76 11.55 10.57
N HIS B 104 7.09 10.41 11.17
CA HIS B 104 6.27 9.20 11.13
C HIS B 104 6.01 8.73 9.67
N GLU B 105 7.07 8.70 8.87
CA GLU B 105 7.09 8.04 7.55
C GLU B 105 5.90 8.43 6.68
N PRO B 106 5.75 9.72 6.33
CA PRO B 106 4.59 10.19 5.57
C PRO B 106 4.35 9.46 4.26
N SER B 107 5.40 9.06 3.55
CA SER B 107 5.22 8.38 2.26
C SER B 107 4.75 6.91 2.36
N ASP B 108 4.76 6.35 3.58
CA ASP B 108 4.13 5.07 3.91
C ASP B 108 2.65 5.18 4.24
N ASN B 109 2.17 6.42 4.40
CA ASN B 109 0.79 6.67 4.77
C ASN B 109 -0.02 7.38 3.68
N LEU B 110 0.53 7.38 2.45
CA LEU B 110 -0.21 7.76 1.24
C LEU B 110 0.48 7.17 0.02
N ARG B 111 -0.23 7.13 -1.12
CA ARG B 111 0.37 6.73 -2.39
C ARG B 111 1.08 7.94 -2.97
N LEU B 112 2.42 7.87 -3.00
CA LEU B 112 3.26 8.92 -3.52
C LEU B 112 3.74 8.51 -4.89
N VAL B 113 3.53 9.39 -5.88
CA VAL B 113 4.01 9.19 -7.21
C VAL B 113 4.96 10.33 -7.48
N GLY B 114 6.17 9.99 -7.91
CA GLY B 114 7.21 10.93 -8.28
C GLY B 114 7.28 11.03 -9.78
N VAL B 115 7.41 12.26 -10.30
CA VAL B 115 7.59 12.50 -11.74
C VAL B 115 8.87 13.30 -11.97
N THR B 116 9.76 12.76 -12.80
N THR B 116 9.74 12.74 -12.83
CA THR B 116 11.03 13.41 -13.13
CA THR B 116 11.07 13.26 -13.15
C THR B 116 11.21 13.50 -14.64
C THR B 116 11.20 13.48 -14.66
N GLY B 117 12.04 14.46 -15.06
CA GLY B 117 12.27 14.80 -16.44
C GLY B 117 12.34 16.31 -16.63
N THR B 118 12.74 16.72 -17.83
CA THR B 118 12.87 18.15 -18.17
C THR B 118 11.53 18.85 -18.24
N ASN B 119 10.61 18.30 -19.03
CA ASN B 119 9.30 18.90 -19.29
C ASN B 119 8.17 18.00 -18.88
N GLY B 120 7.00 18.59 -18.64
CA GLY B 120 5.80 17.83 -18.35
C GLY B 120 5.59 17.41 -16.90
N LYS B 121 6.51 17.77 -16.00
CA LYS B 121 6.39 17.43 -14.60
C LYS B 121 5.12 18.01 -14.01
N THR B 122 4.90 19.31 -14.23
CA THR B 122 3.80 20.04 -13.58
C THR B 122 2.44 19.49 -14.08
N THR B 123 2.32 19.36 -15.39
CA THR B 123 1.10 18.81 -15.99
C THR B 123 0.86 17.37 -15.59
N THR B 124 1.91 16.54 -15.67
CA THR B 124 1.77 15.13 -15.34
C THR B 124 1.37 14.93 -13.85
N THR B 125 2.04 15.62 -12.93
CA THR B 125 1.64 15.59 -11.51
C THR B 125 0.22 16.05 -11.30
N GLN B 126 -0.13 17.19 -11.92
N GLN B 126 -0.15 17.18 -11.93
CA GLN B 126 -1.49 17.71 -11.85
CA GLN B 126 -1.52 17.70 -11.81
C GLN B 126 -2.53 16.70 -12.32
C GLN B 126 -2.56 16.71 -12.33
N LEU B 127 -2.27 16.06 -13.46
CA LEU B 127 -3.20 15.05 -14.00
C LEU B 127 -3.35 13.84 -13.04
N LEU B 128 -2.23 13.40 -12.47
CA LEU B 128 -2.20 12.29 -11.52
C LEU B 128 -3.07 12.60 -10.31
N ALA B 129 -2.87 13.78 -9.73
CA ALA B 129 -3.61 14.20 -8.55
C ALA B 129 -5.11 14.31 -8.86
N GLN B 130 -5.43 14.95 -9.99
CA GLN B 130 -6.81 15.12 -10.44
C GLN B 130 -7.51 13.81 -10.65
N TRP B 131 -6.86 12.94 -11.44
CA TRP B 131 -7.50 11.70 -11.88
C TRP B 131 -7.71 10.80 -10.66
N SER B 132 -6.67 10.66 -9.83
CA SER B 132 -6.77 9.88 -8.61
C SER B 132 -7.90 10.39 -7.70
N GLN B 133 -8.05 11.72 -7.58
CA GLN B 133 -9.11 12.31 -6.78
C GLN B 133 -10.50 12.03 -7.34
N LEU B 134 -10.65 12.18 -8.66
CA LEU B 134 -11.86 11.77 -9.38
C LEU B 134 -12.24 10.33 -9.10
N LEU B 135 -11.25 9.47 -8.79
CA LEU B 135 -11.52 8.08 -8.42
C LEU B 135 -11.68 7.85 -6.92
N GLY B 136 -11.75 8.93 -6.13
CA GLY B 136 -12.10 8.86 -4.73
C GLY B 136 -10.99 9.15 -3.73
N GLU B 137 -9.75 9.36 -4.20
CA GLU B 137 -8.64 9.77 -3.31
C GLU B 137 -8.82 11.22 -2.90
N ILE B 138 -8.17 11.61 -1.79
CA ILE B 138 -7.93 13.03 -1.49
C ILE B 138 -6.48 13.30 -1.88
N SER B 139 -6.30 14.10 -2.95
CA SER B 139 -5.06 14.19 -3.66
C SER B 139 -4.34 15.51 -3.47
N ALA B 140 -3.00 15.45 -3.52
CA ALA B 140 -2.15 16.60 -3.29
C ALA B 140 -1.04 16.61 -4.34
N VAL B 141 -0.39 17.77 -4.48
CA VAL B 141 0.72 17.96 -5.38
C VAL B 141 1.77 18.67 -4.62
N MET B 142 3.03 18.32 -4.90
CA MET B 142 4.19 19.05 -4.42
C MET B 142 5.02 19.31 -5.64
N GLY B 143 5.20 20.60 -5.96
CA GLY B 143 5.80 21.00 -7.22
C GLY B 143 6.14 22.47 -7.25
N THR B 144 6.42 22.97 -8.45
CA THR B 144 7.05 24.29 -8.62
C THR B 144 6.04 25.46 -8.61
N VAL B 145 4.76 25.18 -8.87
CA VAL B 145 3.67 26.09 -8.49
C VAL B 145 3.72 26.20 -6.96
N GLY B 146 3.50 25.08 -6.28
CA GLY B 146 3.59 24.97 -4.83
C GLY B 146 3.13 23.61 -4.29
N ASN B 147 2.90 23.55 -2.98
CA ASN B 147 2.45 22.36 -2.29
C ASN B 147 1.06 22.55 -1.72
N GLY B 148 0.23 21.50 -1.80
CA GLY B 148 -1.05 21.48 -1.11
C GLY B 148 -2.02 20.46 -1.64
N LEU B 149 -3.12 20.27 -0.91
CA LEU B 149 -4.27 19.55 -1.40
C LEU B 149 -4.72 20.23 -2.67
N LEU B 150 -5.18 19.42 -3.63
CA LEU B 150 -5.68 19.89 -4.91
C LEU B 150 -6.62 21.09 -4.73
N GLY B 151 -6.33 22.18 -5.45
CA GLY B 151 -7.10 23.41 -5.36
C GLY B 151 -6.63 24.39 -4.31
N LYS B 152 -5.90 23.92 -3.29
CA LYS B 152 -5.42 24.71 -2.17
C LYS B 152 -3.90 24.72 -2.08
N VAL B 153 -3.27 24.97 -3.23
CA VAL B 153 -1.84 24.85 -3.42
C VAL B 153 -1.12 26.16 -3.09
N ILE B 154 -0.41 26.19 -1.97
CA ILE B 154 0.32 27.37 -1.50
C ILE B 154 1.74 27.40 -2.07
N PRO B 155 2.21 28.53 -2.65
CA PRO B 155 3.65 28.73 -2.83
C PRO B 155 4.39 28.86 -1.50
N GLY B 161 14.93 24.23 0.08
CA GLY B 161 13.98 23.15 0.24
C GLY B 161 14.65 21.78 0.38
N SER B 162 15.17 21.51 1.59
CA SER B 162 15.99 20.33 1.89
C SER B 162 15.21 19.01 2.06
N ALA B 163 15.96 17.94 2.37
CA ALA B 163 15.39 16.61 2.61
C ALA B 163 14.44 16.59 3.78
N VAL B 164 14.73 17.42 4.79
CA VAL B 164 13.88 17.59 5.96
C VAL B 164 12.57 18.26 5.55
N ASP B 165 12.67 19.34 4.74
CA ASP B 165 11.51 20.10 4.30
C ASP B 165 10.55 19.24 3.50
N VAL B 166 11.13 18.40 2.63
CA VAL B 166 10.33 17.50 1.81
C VAL B 166 9.48 16.59 2.72
N GLN B 167 10.10 15.96 3.73
CA GLN B 167 9.41 15.01 4.59
C GLN B 167 8.37 15.73 5.48
N HIS B 168 8.73 16.93 5.95
CA HIS B 168 7.86 17.79 6.76
C HIS B 168 6.59 18.21 5.98
N GLU B 169 6.77 18.62 4.73
CA GLU B 169 5.64 19.02 3.88
C GLU B 169 4.70 17.84 3.61
N LEU B 170 5.30 16.71 3.23
CA LEU B 170 4.54 15.48 2.97
C LEU B 170 3.76 15.06 4.24
N ALA B 171 4.37 15.21 5.42
CA ALA B 171 3.73 14.93 6.71
C ALA B 171 2.55 15.85 6.96
N GLY B 172 2.70 17.13 6.59
CA GLY B 172 1.62 18.10 6.66
C GLY B 172 0.43 17.74 5.79
N LEU B 173 0.70 17.24 4.59
CA LEU B 173 -0.35 16.77 3.68
C LEU B 173 -1.09 15.54 4.22
N VAL B 174 -0.35 14.63 4.85
CA VAL B 174 -0.94 13.46 5.50
C VAL B 174 -1.91 13.95 6.59
N ASP B 175 -1.45 14.90 7.41
CA ASP B 175 -2.25 15.50 8.49
C ASP B 175 -3.49 16.19 7.99
N GLN B 176 -3.44 16.75 6.79
CA GLN B 176 -4.59 17.38 6.17
C GLN B 176 -5.56 16.36 5.53
N GLY B 177 -5.20 15.07 5.57
CA GLY B 177 -6.05 13.97 5.12
C GLY B 177 -5.79 13.40 3.73
N ALA B 178 -4.68 13.82 3.10
CA ALA B 178 -4.30 13.39 1.77
C ALA B 178 -3.99 11.90 1.76
N THR B 179 -4.55 11.20 0.78
CA THR B 179 -4.27 9.79 0.53
C THR B 179 -3.38 9.51 -0.70
N PHE B 180 -3.17 10.55 -1.52
CA PHE B 180 -2.44 10.49 -2.78
C PHE B 180 -1.66 11.80 -2.92
N CYS B 181 -0.40 11.71 -3.35
CA CYS B 181 0.39 12.89 -3.63
C CYS B 181 1.22 12.69 -4.89
N ALA B 182 1.10 13.63 -5.84
CA ALA B 182 1.92 13.66 -7.04
C ALA B 182 2.99 14.73 -6.83
N MET B 183 4.25 14.29 -6.83
CA MET B 183 5.41 15.15 -6.57
C MET B 183 6.33 15.26 -7.80
N GLU B 184 6.65 16.50 -8.18
CA GLU B 184 7.71 16.78 -9.15
C GLU B 184 9.03 16.51 -8.45
N VAL B 185 9.92 15.77 -9.10
CA VAL B 185 11.23 15.50 -8.58
C VAL B 185 12.25 16.05 -9.54
N SER B 186 13.02 17.03 -9.07
CA SER B 186 14.07 17.67 -9.83
C SER B 186 15.30 16.81 -9.79
N SER B 187 16.02 16.79 -10.92
CA SER B 187 17.28 16.08 -11.08
C SER B 187 18.30 16.54 -10.01
N HIS B 188 18.32 17.85 -9.74
CA HIS B 188 19.17 18.39 -8.69
C HIS B 188 18.82 17.84 -7.31
N GLY B 189 17.52 17.81 -7.00
CA GLY B 189 17.01 17.16 -5.80
C GLY B 189 17.55 15.74 -5.62
N LEU B 190 17.33 14.88 -6.62
CA LEU B 190 17.79 13.48 -6.62
C LEU B 190 19.24 13.30 -6.23
N VAL B 191 20.13 14.00 -6.96
CA VAL B 191 21.58 13.89 -6.77
C VAL B 191 22.00 14.39 -5.36
N GLN B 192 21.22 15.31 -4.78
CA GLN B 192 21.43 15.78 -3.42
C GLN B 192 20.70 14.98 -2.33
N HIS B 193 20.07 13.87 -2.70
CA HIS B 193 19.42 12.95 -1.76
C HIS B 193 18.24 13.58 -1.03
N ARG B 194 17.58 14.55 -1.66
CA ARG B 194 16.42 15.20 -1.07
C ARG B 194 15.19 14.31 -0.98
N VAL B 195 15.14 13.25 -1.81
CA VAL B 195 14.08 12.23 -1.75
C VAL B 195 14.59 10.80 -1.49
N ALA B 196 15.80 10.67 -0.95
CA ALA B 196 16.46 9.37 -0.80
C ALA B 196 15.66 8.28 -0.04
N ALA B 197 14.91 8.64 1.00
CA ALA B 197 14.17 7.65 1.80
C ALA B 197 12.68 7.63 1.56
N LEU B 198 12.20 8.34 0.54
CA LEU B 198 10.77 8.29 0.18
C LEU B 198 10.38 6.99 -0.45
N LYS B 199 9.26 6.44 0.01
CA LYS B 199 8.70 5.23 -0.57
C LYS B 199 7.73 5.63 -1.68
N PHE B 200 8.23 5.67 -2.91
CA PHE B 200 7.42 6.00 -4.06
C PHE B 200 6.60 4.78 -4.49
N ALA B 201 5.28 4.95 -4.61
CA ALA B 201 4.40 3.91 -5.17
C ALA B 201 4.72 3.74 -6.63
N ALA B 202 5.10 4.86 -7.27
CA ALA B 202 5.45 4.84 -8.66
C ALA B 202 6.33 6.00 -9.02
N SER B 203 7.08 5.81 -10.11
CA SER B 203 8.05 6.75 -10.62
C SER B 203 7.81 6.87 -12.12
N VAL B 204 7.60 8.09 -12.57
CA VAL B 204 7.32 8.39 -13.96
C VAL B 204 8.50 9.18 -14.51
N PHE B 205 8.93 8.80 -15.70
CA PHE B 205 9.91 9.52 -16.47
C PHE B 205 9.24 10.09 -17.72
N THR B 206 9.29 11.41 -17.88
CA THR B 206 8.69 12.12 -19.02
C THR B 206 9.62 12.22 -20.24
N ASN B 207 10.82 12.79 -20.03
CA ASN B 207 11.76 13.11 -21.12
C ASN B 207 13.00 13.71 -20.56
N LEU B 208 14.00 13.90 -21.43
CA LEU B 208 15.27 14.51 -21.06
C LEU B 208 15.78 15.38 -22.22
N SER B 209 15.98 16.67 -21.94
CA SER B 209 16.75 17.61 -22.77
C SER B 209 18.01 18.04 -22.03
N MET B 219 29.23 10.92 -20.86
CA MET B 219 27.90 10.31 -20.96
C MET B 219 27.83 8.96 -20.23
N GLU B 220 28.95 8.23 -20.21
CA GLU B 220 29.04 6.99 -19.44
C GLU B 220 29.07 7.23 -17.93
N HIS B 221 29.82 8.25 -17.47
CA HIS B 221 29.82 8.61 -16.04
C HIS B 221 28.45 9.07 -15.58
N TYR B 222 27.82 9.91 -16.40
CA TYR B 222 26.48 10.41 -16.17
C TYR B 222 25.49 9.26 -15.94
N GLU B 223 25.41 8.34 -16.90
CA GLU B 223 24.48 7.20 -16.81
C GLU B 223 24.79 6.30 -15.61
N ALA B 224 26.08 6.03 -15.37
CA ALA B 224 26.50 5.19 -14.26
C ALA B 224 26.06 5.81 -12.92
N ALA B 225 26.32 7.11 -12.78
CA ALA B 225 25.93 7.87 -11.61
C ALA B 225 24.42 7.75 -11.38
N LYS B 226 23.62 7.83 -12.46
CA LYS B 226 22.16 7.76 -12.35
C LYS B 226 21.64 6.37 -11.99
N TRP B 227 22.17 5.34 -12.66
CA TRP B 227 21.83 3.96 -12.33
C TRP B 227 22.10 3.67 -10.84
N LEU B 228 23.25 4.12 -10.33
CA LEU B 228 23.63 3.89 -8.94
C LEU B 228 22.61 4.53 -7.99
N LEU B 229 22.31 5.82 -8.22
CA LEU B 229 21.32 6.55 -7.43
C LEU B 229 19.98 5.86 -7.46
N TYR B 230 19.57 5.43 -8.66
CA TYR B 230 18.32 4.72 -8.87
C TYR B 230 18.24 3.48 -8.00
N SER B 231 19.33 2.69 -7.98
CA SER B 231 19.40 1.45 -7.21
C SER B 231 19.28 1.73 -5.72
N GLU B 232 19.61 2.95 -5.30
CA GLU B 232 19.48 3.38 -3.90
C GLU B 232 18.10 3.92 -3.52
N HIS B 233 17.23 4.21 -4.49
CA HIS B 233 15.87 4.68 -4.20
C HIS B 233 14.82 3.55 -4.25
N HIS B 234 13.71 3.79 -3.53
CA HIS B 234 12.53 2.94 -3.56
C HIS B 234 11.60 3.56 -4.61
N CYS B 235 11.74 3.09 -5.86
CA CYS B 235 11.06 3.75 -6.99
C CYS B 235 9.63 3.28 -7.23
N GLY B 236 9.28 2.12 -6.67
CA GLY B 236 7.98 1.50 -6.90
C GLY B 236 7.83 1.08 -8.35
N GLN B 237 6.62 1.19 -8.89
CA GLN B 237 6.38 0.90 -10.30
C GLN B 237 6.98 2.00 -11.18
N ALA B 238 7.73 1.60 -12.20
CA ALA B 238 8.41 2.52 -13.11
C ALA B 238 7.55 2.69 -14.35
N ILE B 239 7.24 3.94 -14.72
CA ILE B 239 6.46 4.26 -15.93
C ILE B 239 7.26 5.25 -16.76
N ILE B 240 7.57 4.86 -18.00
CA ILE B 240 8.60 5.47 -18.79
C ILE B 240 8.12 5.73 -20.21
N ASN B 241 8.32 6.98 -20.63
CA ASN B 241 8.09 7.40 -21.97
C ASN B 241 9.06 6.78 -22.91
N ALA B 242 8.58 5.83 -23.71
CA ALA B 242 9.39 5.15 -24.71
C ALA B 242 9.65 5.94 -25.98
N ASP B 243 9.03 7.11 -26.13
CA ASP B 243 9.29 8.04 -27.23
C ASP B 243 10.52 8.93 -27.03
N ASP B 244 11.11 8.85 -25.84
CA ASP B 244 12.37 9.52 -25.51
C ASP B 244 13.49 8.48 -25.59
N GLU B 245 14.61 8.88 -26.21
CA GLU B 245 15.78 8.02 -26.45
C GLU B 245 16.38 7.48 -25.14
N VAL B 246 16.45 8.35 -24.11
CA VAL B 246 16.97 7.97 -22.80
C VAL B 246 15.97 7.08 -22.10
N GLY B 247 14.68 7.42 -22.26
CA GLY B 247 13.59 6.54 -21.86
C GLY B 247 13.74 5.09 -22.29
N ARG B 248 14.13 4.87 -23.54
CA ARG B 248 14.33 3.50 -24.05
C ARG B 248 15.55 2.79 -23.40
N ARG B 249 16.62 3.56 -23.15
CA ARG B 249 17.78 3.02 -22.43
C ARG B 249 17.37 2.56 -21.03
N TRP B 250 16.63 3.40 -20.30
CA TRP B 250 16.06 3.01 -19.00
C TRP B 250 15.30 1.67 -19.19
N LEU B 251 14.37 1.63 -20.16
CA LEU B 251 13.45 0.49 -20.37
C LEU B 251 14.17 -0.81 -20.69
N ALA B 252 15.28 -0.71 -21.44
CA ALA B 252 16.09 -1.86 -21.77
C ALA B 252 16.56 -2.64 -20.53
N LYS B 253 16.80 -1.93 -19.42
CA LYS B 253 17.33 -2.53 -18.19
C LYS B 253 16.29 -2.75 -17.08
N LEU B 254 15.03 -2.39 -17.35
N LEU B 254 15.05 -2.34 -17.36
CA LEU B 254 13.93 -2.50 -16.40
CA LEU B 254 13.92 -2.46 -16.45
C LEU B 254 12.79 -3.30 -17.02
C LEU B 254 12.86 -3.32 -17.13
N PRO B 255 12.83 -4.65 -16.92
CA PRO B 255 11.79 -5.49 -17.54
C PRO B 255 10.38 -5.33 -16.95
N ASP B 256 10.29 -4.90 -15.67
CA ASP B 256 9.03 -4.70 -14.98
C ASP B 256 8.42 -3.29 -15.16
N ALA B 257 9.13 -2.39 -15.86
CA ALA B 257 8.65 -1.03 -16.07
C ALA B 257 7.59 -1.06 -17.17
N VAL B 258 6.68 -0.07 -17.14
CA VAL B 258 5.66 0.14 -18.17
C VAL B 258 6.16 1.08 -19.25
N ALA B 259 6.15 0.63 -20.50
CA ALA B 259 6.54 1.46 -21.62
C ALA B 259 5.28 2.16 -22.13
N VAL B 260 5.39 3.47 -22.37
CA VAL B 260 4.30 4.26 -22.90
C VAL B 260 4.77 4.99 -24.15
N SER B 261 3.92 5.03 -25.18
CA SER B 261 4.30 5.60 -26.46
C SER B 261 3.08 6.14 -27.19
N MET B 262 3.30 7.15 -28.02
CA MET B 262 2.31 7.61 -29.00
C MET B 262 2.91 7.61 -30.40
N GLU B 263 4.08 6.96 -30.56
CA GLU B 263 4.83 6.93 -31.82
C GLU B 263 5.47 5.59 -32.17
N ASP B 264 4.85 4.48 -31.76
CA ASP B 264 5.27 3.13 -32.15
C ASP B 264 6.61 2.58 -31.61
N HIS B 265 7.03 3.03 -30.41
CA HIS B 265 8.26 2.54 -29.76
C HIS B 265 8.07 1.40 -28.74
N ILE B 266 6.84 0.89 -28.61
CA ILE B 266 6.54 -0.27 -27.80
C ILE B 266 7.16 -1.47 -28.52
N ASN B 267 7.98 -2.23 -27.79
CA ASN B 267 8.48 -3.52 -28.23
C ASN B 267 7.68 -4.65 -27.56
N PRO B 268 6.60 -5.17 -28.19
CA PRO B 268 5.75 -6.18 -27.57
C PRO B 268 6.43 -7.54 -27.34
N ASN B 269 7.59 -7.78 -27.95
CA ASN B 269 8.43 -8.97 -27.74
C ASN B 269 8.82 -9.22 -26.28
N CYS B 270 9.04 -8.13 -25.53
CA CYS B 270 9.44 -8.23 -24.11
C CYS B 270 8.38 -8.89 -23.18
N HIS B 271 7.13 -8.98 -23.67
CA HIS B 271 5.94 -9.44 -22.91
C HIS B 271 5.69 -8.58 -21.63
N GLY B 272 6.13 -7.32 -21.67
CA GLY B 272 6.07 -6.42 -20.56
C GLY B 272 4.73 -5.72 -20.58
N ARG B 273 4.57 -4.76 -19.67
CA ARG B 273 3.39 -3.94 -19.62
C ARG B 273 3.63 -2.71 -20.48
N TRP B 274 2.60 -2.32 -21.25
CA TRP B 274 2.71 -1.21 -22.17
C TRP B 274 1.41 -0.48 -22.40
N LEU B 275 1.54 0.71 -22.99
CA LEU B 275 0.38 1.53 -23.38
C LEU B 275 0.79 2.46 -24.50
N LYS B 276 0.02 2.41 -25.61
CA LYS B 276 0.28 3.28 -26.72
C LYS B 276 -0.97 3.84 -27.34
N ALA B 277 -0.86 5.09 -27.77
CA ALA B 277 -1.88 5.73 -28.57
C ALA B 277 -1.75 5.13 -29.96
N THR B 278 -2.88 4.69 -30.52
CA THR B 278 -2.95 4.19 -31.88
C THR B 278 -3.48 5.22 -32.88
N GLU B 279 -4.28 6.17 -32.39
CA GLU B 279 -4.76 7.29 -33.20
C GLU B 279 -5.06 8.47 -32.32
N VAL B 280 -4.71 9.66 -32.80
CA VAL B 280 -5.04 10.89 -32.11
C VAL B 280 -5.61 11.82 -33.15
N ASN B 281 -6.82 12.33 -32.89
CA ASN B 281 -7.38 13.42 -33.67
C ASN B 281 -7.29 14.71 -32.82
N TYR B 282 -6.46 15.65 -33.26
CA TYR B 282 -6.30 16.94 -32.62
C TYR B 282 -7.38 17.84 -33.24
N HIS B 283 -8.35 18.27 -32.41
CA HIS B 283 -9.46 19.10 -32.85
C HIS B 283 -9.49 20.43 -32.09
N ASP B 284 -10.54 21.23 -32.35
CA ASP B 284 -10.58 22.64 -31.96
C ASP B 284 -10.79 22.86 -30.45
N SER B 285 -11.14 21.79 -29.73
CA SER B 285 -11.36 21.92 -28.30
C SER B 285 -10.57 20.91 -27.46
N GLY B 286 -9.60 20.23 -28.09
CA GLY B 286 -8.78 19.21 -27.44
C GLY B 286 -8.32 18.10 -28.38
N ALA B 287 -8.16 16.89 -27.82
CA ALA B 287 -7.67 15.71 -28.54
C ALA B 287 -8.46 14.46 -28.19
N THR B 288 -8.80 13.69 -29.22
CA THR B 288 -9.42 12.40 -29.08
C THR B 288 -8.35 11.34 -29.26
N ILE B 289 -8.19 10.48 -28.25
CA ILE B 289 -7.03 9.61 -28.14
C ILE B 289 -7.54 8.19 -28.03
N ARG B 290 -7.25 7.37 -29.06
CA ARG B 290 -7.48 5.94 -29.02
C ARG B 290 -6.17 5.23 -28.68
N PHE B 291 -6.24 4.27 -27.76
CA PHE B 291 -5.06 3.59 -27.28
C PHE B 291 -5.35 2.13 -27.05
N SER B 292 -4.28 1.33 -27.13
N SER B 292 -4.29 1.30 -27.13
CA SER B 292 -4.26 -0.05 -26.66
CA SER B 292 -4.32 -0.06 -26.62
C SER B 292 -3.31 -0.18 -25.47
C SER B 292 -3.34 -0.17 -25.46
N SER B 293 -3.54 -1.18 -24.62
CA SER B 293 -2.66 -1.44 -23.47
C SER B 293 -2.80 -2.86 -22.96
N SER B 294 -1.81 -3.28 -22.17
CA SER B 294 -1.84 -4.56 -21.47
C SER B 294 -3.11 -4.73 -20.63
N TRP B 295 -3.71 -3.59 -20.22
CA TRP B 295 -4.92 -3.58 -19.40
C TRP B 295 -6.21 -3.50 -20.24
N GLY B 296 -6.06 -3.44 -21.57
CA GLY B 296 -7.19 -3.27 -22.48
C GLY B 296 -7.18 -1.93 -23.20
N ASP B 297 -8.09 -1.80 -24.16
CA ASP B 297 -8.15 -0.68 -25.09
C ASP B 297 -9.28 0.27 -24.74
N GLY B 298 -9.27 1.45 -25.38
CA GLY B 298 -10.20 2.51 -25.02
C GLY B 298 -10.03 3.74 -25.87
N GLU B 299 -10.86 4.74 -25.57
CA GLU B 299 -10.80 6.04 -26.20
C GLU B 299 -11.08 7.10 -25.16
N ILE B 300 -10.24 8.14 -25.14
CA ILE B 300 -10.37 9.26 -24.22
C ILE B 300 -10.58 10.56 -25.00
N GLU B 301 -11.46 11.42 -24.48
CA GLU B 301 -11.54 12.83 -24.87
C GLU B 301 -10.74 13.69 -23.89
N SER B 302 -9.58 14.17 -24.34
CA SER B 302 -8.76 15.11 -23.57
C SER B 302 -9.13 16.54 -23.93
N HIS B 303 -9.24 17.40 -22.92
CA HIS B 303 -9.45 18.83 -23.09
C HIS B 303 -8.12 19.62 -23.02
N LEU B 304 -7.01 18.90 -23.17
CA LEU B 304 -5.65 19.46 -23.19
C LEU B 304 -5.24 19.53 -24.65
N MET B 305 -4.34 20.49 -24.93
CA MET B 305 -3.86 20.81 -26.27
C MET B 305 -2.43 20.36 -26.49
N GLY B 306 -2.15 19.81 -27.68
CA GLY B 306 -0.82 19.50 -28.13
C GLY B 306 -0.37 18.06 -27.90
N ALA B 307 0.64 17.64 -28.65
CA ALA B 307 1.16 16.28 -28.63
C ALA B 307 1.85 15.91 -27.31
N PHE B 308 2.63 16.85 -26.77
CA PHE B 308 3.30 16.68 -25.47
C PHE B 308 2.30 16.36 -24.36
N ASN B 309 1.13 17.00 -24.40
CA ASN B 309 0.08 16.77 -23.41
C ASN B 309 -0.68 15.46 -23.61
N VAL B 310 -0.71 14.95 -24.84
CA VAL B 310 -1.19 13.57 -25.05
C VAL B 310 -0.23 12.65 -24.29
N SER B 311 1.05 12.85 -24.52
CA SER B 311 2.09 12.07 -23.87
C SER B 311 1.96 12.09 -22.34
N ASN B 312 1.85 13.28 -21.76
CA ASN B 312 1.68 13.44 -20.33
C ASN B 312 0.44 12.72 -19.81
N LEU B 313 -0.66 12.83 -20.55
CA LEU B 313 -1.91 12.19 -20.17
C LEU B 313 -1.77 10.66 -20.19
N LEU B 314 -1.14 10.13 -21.23
CA LEU B 314 -0.89 8.69 -21.33
C LEU B 314 0.04 8.16 -20.22
N LEU B 315 1.03 8.96 -19.81
CA LEU B 315 1.88 8.59 -18.67
C LEU B 315 1.06 8.53 -17.37
N ALA B 316 0.21 9.53 -17.14
CA ALA B 316 -0.66 9.53 -15.97
C ALA B 316 -1.59 8.31 -15.97
N LEU B 317 -2.17 8.00 -17.13
CA LEU B 317 -3.06 6.83 -17.29
C LEU B 317 -2.34 5.49 -16.98
N ALA B 318 -1.18 5.30 -17.61
CA ALA B 318 -0.38 4.11 -17.44
C ALA B 318 0.03 3.94 -15.97
N THR B 319 0.37 5.06 -15.31
CA THR B 319 0.73 5.03 -13.90
C THR B 319 -0.43 4.55 -13.03
N LEU B 320 -1.62 5.07 -13.29
CA LEU B 320 -2.76 4.76 -12.46
C LEU B 320 -3.22 3.33 -12.73
N LEU B 321 -3.18 2.89 -14.00
CA LEU B 321 -3.45 1.52 -14.34
C LEU B 321 -2.49 0.60 -13.58
N ALA B 322 -1.18 0.91 -13.62
CA ALA B 322 -0.12 0.15 -12.94
C ALA B 322 -0.37 -0.01 -11.45
N LEU B 323 -0.92 1.04 -10.84
CA LEU B 323 -1.24 1.05 -9.41
C LEU B 323 -2.57 0.37 -9.10
N GLY B 324 -3.28 -0.11 -10.13
CA GLY B 324 -4.47 -0.91 -9.95
C GLY B 324 -5.80 -0.15 -9.92
N TYR B 325 -5.80 1.10 -10.40
CA TYR B 325 -7.04 1.82 -10.60
C TYR B 325 -7.69 1.22 -11.84
N PRO B 326 -9.00 0.88 -11.79
CA PRO B 326 -9.66 0.21 -12.91
C PRO B 326 -9.80 1.08 -14.16
N LEU B 327 -9.38 0.52 -15.30
CA LEU B 327 -9.52 1.13 -16.60
C LEU B 327 -10.89 1.79 -16.80
N ALA B 328 -11.97 1.06 -16.48
CA ALA B 328 -13.32 1.56 -16.76
C ALA B 328 -13.58 2.88 -16.02
N ASP B 329 -13.11 3.00 -14.78
CA ASP B 329 -13.30 4.20 -13.97
C ASP B 329 -12.42 5.36 -14.46
N LEU B 330 -11.20 5.04 -14.90
CA LEU B 330 -10.31 6.03 -15.46
C LEU B 330 -10.90 6.61 -16.74
N LEU B 331 -11.40 5.73 -17.62
CA LEU B 331 -12.11 6.15 -18.84
C LEU B 331 -13.31 7.07 -18.59
N LYS B 332 -14.13 6.71 -17.60
CA LYS B 332 -15.35 7.44 -17.30
C LYS B 332 -15.06 8.84 -16.74
N THR B 333 -13.83 9.07 -16.27
CA THR B 333 -13.47 10.32 -15.61
C THR B 333 -12.50 11.19 -16.39
N ALA B 334 -11.97 10.68 -17.49
CA ALA B 334 -10.90 11.37 -18.24
C ALA B 334 -11.30 12.78 -18.76
N ALA B 335 -12.58 12.93 -19.09
CA ALA B 335 -13.16 14.15 -19.64
C ALA B 335 -13.19 15.32 -18.65
N ARG B 336 -13.10 15.02 -17.35
CA ARG B 336 -13.08 16.07 -16.33
C ARG B 336 -11.68 16.56 -15.99
N LEU B 337 -10.67 15.93 -16.59
CA LEU B 337 -9.29 16.38 -16.45
C LEU B 337 -9.15 17.78 -17.09
N GLN B 338 -8.54 18.70 -16.34
CA GLN B 338 -8.37 20.10 -16.70
C GLN B 338 -6.90 20.42 -16.96
N PRO B 339 -6.60 21.47 -17.75
CA PRO B 339 -5.23 21.97 -17.86
C PRO B 339 -4.83 22.69 -16.58
N VAL B 340 -3.53 22.82 -16.36
CA VAL B 340 -3.03 23.77 -15.40
C VAL B 340 -3.40 25.15 -15.94
N CYS B 341 -3.98 25.98 -15.07
CA CYS B 341 -4.40 27.33 -15.40
C CYS B 341 -3.29 28.06 -16.19
N GLY B 342 -3.61 28.46 -17.42
CA GLY B 342 -2.71 29.26 -18.24
C GLY B 342 -1.62 28.47 -18.90
N ARG B 343 -1.79 27.15 -18.98
CA ARG B 343 -0.85 26.28 -19.69
C ARG B 343 -1.62 25.59 -20.81
N MET B 344 -1.40 26.10 -22.03
CA MET B 344 -2.10 25.69 -23.24
C MET B 344 -3.56 25.50 -22.91
N GLU B 345 -4.15 26.53 -22.28
CA GLU B 345 -5.52 26.48 -21.77
C GLU B 345 -6.47 26.95 -22.84
N VAL B 346 -7.33 26.03 -23.32
CA VAL B 346 -8.20 26.31 -24.47
C VAL B 346 -9.50 26.96 -24.03
N PHE B 347 -9.91 27.99 -24.76
CA PHE B 347 -11.20 28.63 -24.61
C PHE B 347 -11.86 28.54 -25.99
N THR B 348 -13.08 27.98 -26.01
CA THR B 348 -13.87 27.86 -27.23
C THR B 348 -15.25 28.35 -26.92
N ALA B 349 -15.92 28.83 -27.96
CA ALA B 349 -17.29 29.26 -27.81
C ALA B 349 -17.93 29.07 -29.17
N PRO B 350 -19.15 28.49 -29.19
CA PRO B 350 -20.00 28.45 -30.39
C PRO B 350 -19.74 29.55 -31.42
N GLY B 351 -19.18 29.17 -32.58
CA GLY B 351 -19.00 30.06 -33.72
C GLY B 351 -17.91 31.11 -33.64
N LYS B 352 -16.96 30.91 -32.71
CA LYS B 352 -15.80 31.80 -32.60
C LYS B 352 -14.53 30.98 -32.83
N PRO B 353 -13.40 31.63 -33.17
CA PRO B 353 -12.11 30.95 -33.21
C PRO B 353 -11.77 30.25 -31.88
N THR B 354 -11.06 29.13 -31.95
CA THR B 354 -10.45 28.55 -30.76
C THR B 354 -9.39 29.50 -30.23
N VAL B 355 -9.38 29.75 -28.91
CA VAL B 355 -8.37 30.63 -28.28
C VAL B 355 -7.62 29.87 -27.18
N VAL B 356 -6.29 29.96 -27.20
CA VAL B 356 -5.43 29.27 -26.28
C VAL B 356 -4.58 30.29 -25.52
N VAL B 357 -4.69 30.26 -24.19
CA VAL B 357 -3.89 31.12 -23.31
C VAL B 357 -2.73 30.30 -22.75
N ASP B 358 -1.51 30.73 -23.07
CA ASP B 358 -0.30 30.07 -22.58
C ASP B 358 0.69 31.07 -22.03
N TYR B 359 1.44 30.63 -21.02
CA TYR B 359 2.40 31.51 -20.38
C TYR B 359 3.73 31.64 -21.13
N ALA B 360 3.91 30.89 -22.22
CA ALA B 360 5.15 30.96 -23.03
C ALA B 360 5.66 32.38 -23.20
N HIS B 361 6.86 32.62 -22.66
CA HIS B 361 7.50 33.93 -22.69
C HIS B 361 9.01 33.92 -23.03
N THR B 362 9.48 32.81 -23.62
CA THR B 362 10.83 32.69 -24.16
C THR B 362 10.70 32.13 -25.57
N PRO B 363 11.75 32.23 -26.42
CA PRO B 363 11.67 31.70 -27.78
C PRO B 363 11.31 30.22 -27.85
N ASP B 364 12.00 29.38 -27.05
N ASP B 364 11.99 29.37 -27.05
CA ASP B 364 11.73 27.94 -27.02
CA ASP B 364 11.75 27.92 -27.00
C ASP B 364 10.30 27.60 -26.66
C ASP B 364 10.30 27.60 -26.66
N ALA B 365 9.81 28.16 -25.55
CA ALA B 365 8.44 27.90 -25.10
C ALA B 365 7.40 28.36 -26.17
N LEU B 366 7.64 29.53 -26.77
CA LEU B 366 6.74 30.08 -27.76
C LEU B 366 6.69 29.17 -29.00
N GLU B 367 7.85 28.66 -29.42
CA GLU B 367 7.92 27.74 -30.55
C GLU B 367 7.10 26.47 -30.25
N LYS B 368 7.33 25.90 -29.06
CA LYS B 368 6.59 24.71 -28.62
C LYS B 368 5.08 24.96 -28.60
N ALA B 369 4.66 26.08 -28.03
CA ALA B 369 3.24 26.42 -27.92
C ALA B 369 2.55 26.59 -29.28
N LEU B 370 3.25 27.20 -30.24
CA LEU B 370 2.74 27.41 -31.60
C LEU B 370 2.64 26.07 -32.34
N GLN B 371 3.67 25.24 -32.23
CA GLN B 371 3.68 23.90 -32.86
C GLN B 371 2.52 23.05 -32.30
N ALA B 372 2.31 23.16 -30.97
CA ALA B 372 1.24 22.45 -30.30
C ALA B 372 -0.11 22.96 -30.81
N ALA B 373 -0.28 24.30 -30.85
CA ALA B 373 -1.52 24.91 -31.31
C ALA B 373 -1.84 24.58 -32.76
N ARG B 374 -0.80 24.48 -33.58
CA ARG B 374 -0.95 24.23 -35.01
C ARG B 374 -1.66 22.91 -35.29
N LEU B 375 -1.41 21.90 -34.46
CA LEU B 375 -2.02 20.59 -34.62
C LEU B 375 -3.55 20.67 -34.59
N HIS B 376 -4.08 21.65 -33.86
CA HIS B 376 -5.50 21.81 -33.63
C HIS B 376 -6.14 22.83 -34.58
N CYS B 377 -5.34 23.42 -35.47
CA CYS B 377 -5.76 24.56 -36.27
C CYS B 377 -5.98 24.14 -37.72
N ALA B 378 -7.24 24.09 -38.14
CA ALA B 378 -7.62 23.88 -39.54
C ALA B 378 -7.40 25.13 -40.41
N GLY B 379 -7.63 26.32 -39.82
CA GLY B 379 -7.52 27.60 -40.49
C GLY B 379 -6.14 28.21 -40.35
N LYS B 380 -6.10 29.51 -40.04
CA LYS B 380 -4.89 30.26 -39.75
C LYS B 380 -4.61 30.28 -38.25
N LEU B 381 -3.32 30.22 -37.89
CA LEU B 381 -2.88 30.30 -36.51
C LEU B 381 -2.38 31.73 -36.23
N TRP B 382 -3.05 32.43 -35.31
CA TRP B 382 -2.65 33.78 -34.87
C TRP B 382 -1.83 33.68 -33.56
N CYS B 383 -0.88 34.60 -33.40
CA CYS B 383 -0.05 34.67 -32.20
C CYS B 383 -0.03 36.07 -31.64
N VAL B 384 -0.63 36.25 -30.46
CA VAL B 384 -0.64 37.53 -29.78
C VAL B 384 0.38 37.47 -28.65
N PHE B 385 1.37 38.37 -28.69
CA PHE B 385 2.46 38.41 -27.73
C PHE B 385 3.22 39.74 -27.72
N GLY B 386 4.03 39.91 -26.66
CA GLY B 386 4.95 40.99 -26.49
C GLY B 386 6.08 40.51 -25.61
N CYS B 387 6.91 41.47 -25.16
CA CYS B 387 8.09 41.17 -24.33
C CYS B 387 8.21 42.16 -23.18
N GLY B 388 8.69 41.66 -22.05
CA GLY B 388 8.85 42.47 -20.84
C GLY B 388 9.81 43.60 -21.07
N GLY B 389 9.47 44.76 -20.50
CA GLY B 389 10.31 45.95 -20.55
C GLY B 389 11.29 45.95 -19.39
N ASP B 390 12.39 46.70 -19.55
CA ASP B 390 13.48 46.82 -18.54
C ASP B 390 14.15 45.50 -18.16
N ARG B 391 14.12 44.50 -19.06
CA ARG B 391 14.73 43.23 -18.78
C ARG B 391 14.59 42.22 -19.90
N ASP B 392 15.45 41.21 -19.84
CA ASP B 392 15.58 40.12 -20.82
C ASP B 392 15.35 40.57 -22.26
N LYS B 393 16.29 41.38 -22.79
CA LYS B 393 16.13 42.06 -24.07
C LYS B 393 16.56 41.25 -25.29
N GLY B 394 17.49 40.32 -25.07
CA GLY B 394 18.09 39.52 -26.14
C GLY B 394 17.10 38.69 -26.90
N LYS B 395 16.07 38.20 -26.19
CA LYS B 395 15.07 37.32 -26.74
C LYS B 395 14.08 37.99 -27.70
N ARG B 396 14.00 39.32 -27.67
CA ARG B 396 12.99 40.06 -28.43
C ARG B 396 12.97 39.67 -29.91
N PRO B 397 14.08 39.82 -30.67
CA PRO B 397 14.03 39.51 -32.11
C PRO B 397 13.89 37.99 -32.37
N LEU B 398 14.32 37.17 -31.42
CA LEU B 398 14.18 35.70 -31.51
C LEU B 398 12.71 35.31 -31.40
N MET B 399 12.02 35.86 -30.40
N MET B 399 12.03 35.87 -30.38
CA MET B 399 10.57 35.65 -30.26
CA MET B 399 10.57 35.76 -30.18
C MET B 399 9.80 36.17 -31.46
C MET B 399 9.80 36.19 -31.42
N GLY B 400 10.26 37.31 -32.01
CA GLY B 400 9.74 37.86 -33.26
C GLY B 400 9.84 36.88 -34.43
N ALA B 401 11.04 36.32 -34.62
CA ALA B 401 11.26 35.36 -35.71
C ALA B 401 10.41 34.09 -35.55
N ILE B 402 10.28 33.61 -34.31
CA ILE B 402 9.48 32.44 -33.99
C ILE B 402 8.00 32.66 -34.33
N ALA B 403 7.42 33.78 -33.90
CA ALA B 403 6.03 34.13 -34.20
C ALA B 403 5.78 34.15 -35.72
N GLU B 404 6.72 34.75 -36.45
CA GLU B 404 6.63 34.86 -37.89
C GLU B 404 6.65 33.48 -38.61
N GLU B 405 7.60 32.63 -38.22
CA GLU B 405 7.73 31.31 -38.81
C GLU B 405 6.60 30.33 -38.46
N PHE B 406 6.29 30.18 -37.17
CA PHE B 406 5.34 29.17 -36.68
C PHE B 406 3.87 29.59 -36.60
N ALA B 407 3.59 30.88 -36.78
CA ALA B 407 2.23 31.36 -36.91
C ALA B 407 2.05 31.92 -38.30
N ASP B 408 0.79 32.12 -38.68
CA ASP B 408 0.39 32.78 -39.92
C ASP B 408 0.20 34.27 -39.73
N VAL B 409 -0.34 34.67 -38.57
CA VAL B 409 -0.46 36.07 -38.21
C VAL B 409 0.18 36.37 -36.85
N ALA B 410 1.15 37.29 -36.84
CA ALA B 410 1.78 37.78 -35.61
C ALA B 410 1.13 39.09 -35.23
N VAL B 411 0.55 39.14 -34.03
CA VAL B 411 0.07 40.37 -33.43
C VAL B 411 1.01 40.79 -32.25
N VAL B 412 1.82 41.82 -32.47
CA VAL B 412 2.82 42.25 -31.50
C VAL B 412 2.21 43.37 -30.67
N THR B 413 2.18 43.16 -29.36
CA THR B 413 1.61 44.09 -28.41
C THR B 413 2.49 44.20 -27.17
N ASP B 414 1.94 44.76 -26.09
CA ASP B 414 2.66 44.98 -24.85
C ASP B 414 2.48 43.78 -23.92
N ASP B 415 3.50 43.59 -23.07
CA ASP B 415 3.53 42.62 -21.99
C ASP B 415 4.48 43.12 -20.88
N ASN B 416 3.92 43.75 -19.84
CA ASN B 416 4.72 44.29 -18.72
C ASN B 416 5.86 45.17 -19.23
N PRO B 417 5.55 46.27 -19.94
CA PRO B 417 6.58 47.17 -20.46
C PRO B 417 7.32 47.98 -19.38
N ARG B 418 6.85 47.96 -18.13
CA ARG B 418 7.53 48.64 -16.99
C ARG B 418 7.85 50.06 -17.38
N THR B 419 9.09 50.52 -17.17
CA THR B 419 9.45 51.94 -17.43
C THR B 419 9.92 52.23 -18.85
N GLU B 420 10.18 51.16 -19.60
CA GLU B 420 10.61 51.26 -20.99
C GLU B 420 9.49 51.68 -21.96
N GLU B 421 9.87 52.43 -22.99
CA GLU B 421 8.94 52.90 -23.98
C GLU B 421 8.33 51.67 -24.68
N PRO B 422 7.00 51.47 -24.61
CA PRO B 422 6.39 50.27 -25.17
C PRO B 422 6.77 50.03 -26.65
N ARG B 423 6.73 51.09 -27.47
CA ARG B 423 7.07 51.00 -28.88
C ARG B 423 8.52 50.52 -29.15
N ALA B 424 9.45 50.90 -28.26
CA ALA B 424 10.86 50.50 -28.39
C ALA B 424 10.97 48.99 -28.31
N ILE B 425 10.25 48.41 -27.35
CA ILE B 425 10.22 46.97 -27.16
C ILE B 425 9.69 46.29 -28.42
N ILE B 426 8.56 46.81 -28.93
CA ILE B 426 7.95 46.28 -30.13
C ILE B 426 8.91 46.31 -31.31
N ASN B 427 9.60 47.44 -31.50
CA ASN B 427 10.60 47.56 -32.57
C ASN B 427 11.74 46.53 -32.46
N ASP B 428 12.18 46.26 -31.23
CA ASP B 428 13.16 45.20 -30.95
C ASP B 428 12.65 43.80 -31.37
N ILE B 429 11.34 43.57 -31.21
CA ILE B 429 10.72 42.32 -31.65
C ILE B 429 10.68 42.23 -33.17
N LEU B 430 10.19 43.28 -33.83
CA LEU B 430 10.04 43.38 -35.29
C LEU B 430 11.37 43.27 -36.04
N ALA B 431 12.43 43.83 -35.45
CA ALA B 431 13.82 43.72 -35.92
C ALA B 431 14.19 42.29 -36.25
N GLY B 432 13.57 41.33 -35.54
CA GLY B 432 13.79 39.92 -35.75
C GLY B 432 13.13 39.32 -36.99
N MET B 433 12.23 40.05 -37.63
CA MET B 433 11.37 39.47 -38.66
C MET B 433 11.85 39.72 -40.08
N LEU B 434 11.61 38.74 -40.96
CA LEU B 434 11.92 38.85 -42.40
C LEU B 434 10.92 39.79 -43.07
N ASP B 435 9.68 39.78 -42.58
CA ASP B 435 8.63 40.61 -43.15
C ASP B 435 7.78 41.21 -42.03
N ALA B 436 8.39 42.15 -41.29
CA ALA B 436 7.71 42.85 -40.23
C ALA B 436 6.47 43.56 -40.73
N GLY B 437 6.49 44.03 -41.98
CA GLY B 437 5.34 44.67 -42.60
C GLY B 437 4.02 43.90 -42.58
N HIS B 438 4.09 42.56 -42.53
CA HIS B 438 2.90 41.71 -42.44
C HIS B 438 2.47 41.31 -41.01
N ALA B 439 3.29 41.66 -40.01
CA ALA B 439 2.90 41.63 -38.60
C ALA B 439 1.90 42.74 -38.31
N LYS B 440 0.96 42.48 -37.40
CA LYS B 440 0.04 43.51 -36.90
C LYS B 440 0.60 43.97 -35.58
N VAL B 441 0.66 45.28 -35.39
CA VAL B 441 1.20 45.86 -34.18
C VAL B 441 0.05 46.61 -33.55
N MET B 442 -0.23 46.33 -32.28
CA MET B 442 -1.26 47.05 -31.55
C MET B 442 -0.91 47.17 -30.08
N GLU B 443 -0.75 48.41 -29.63
CA GLU B 443 -0.54 48.74 -28.23
C GLU B 443 -1.88 48.82 -27.52
N GLY B 444 -1.81 48.47 -26.23
CA GLY B 444 -2.97 48.07 -25.49
C GLY B 444 -3.04 46.60 -25.75
N ARG B 445 -2.65 45.80 -24.75
CA ARG B 445 -2.68 44.35 -24.84
C ARG B 445 -4.09 43.83 -25.07
N ALA B 446 -5.02 44.37 -24.28
CA ALA B 446 -6.44 44.04 -24.40
C ALA B 446 -6.99 44.28 -25.82
N GLU B 447 -6.62 45.39 -26.43
CA GLU B 447 -7.04 45.76 -27.77
C GLU B 447 -6.41 44.81 -28.81
N ALA B 448 -5.17 44.40 -28.56
CA ALA B 448 -4.46 43.48 -29.45
C ALA B 448 -5.10 42.08 -29.44
N VAL B 449 -5.38 41.58 -28.24
CA VAL B 449 -6.11 40.31 -28.08
C VAL B 449 -7.48 40.37 -28.81
N THR B 450 -8.19 41.48 -28.59
CA THR B 450 -9.50 41.71 -29.21
C THR B 450 -9.41 41.66 -30.73
N CYS B 451 -8.39 42.32 -31.28
CA CYS B 451 -8.13 42.38 -32.71
C CYS B 451 -7.95 40.98 -33.31
N ALA B 452 -7.17 40.12 -32.63
CA ALA B 452 -6.99 38.76 -33.07
C ALA B 452 -8.28 37.97 -32.96
N VAL B 453 -8.92 38.03 -31.81
CA VAL B 453 -10.08 37.20 -31.53
C VAL B 453 -11.25 37.55 -32.48
N MET B 454 -11.41 38.85 -32.79
CA MET B 454 -12.51 39.33 -33.61
C MET B 454 -12.24 39.30 -35.10
N GLN B 455 -10.97 39.30 -35.52
CA GLN B 455 -10.65 39.19 -36.93
C GLN B 455 -10.51 37.73 -37.38
N ALA B 456 -10.05 36.86 -36.48
CA ALA B 456 -9.84 35.45 -36.81
C ALA B 456 -11.16 34.77 -37.24
N LYS B 457 -11.06 33.84 -38.18
CA LYS B 457 -12.19 32.99 -38.60
C LYS B 457 -12.55 31.87 -37.61
N GLU B 458 -13.67 31.20 -37.87
CA GLU B 458 -14.28 30.26 -36.92
C GLU B 458 -13.38 29.05 -36.63
N ASN B 459 -12.55 28.67 -37.60
CA ASN B 459 -11.61 27.57 -37.36
C ASN B 459 -10.13 28.00 -37.47
N ASP B 460 -9.88 29.26 -37.13
CA ASP B 460 -8.53 29.77 -36.87
C ASP B 460 -8.27 29.44 -35.42
N VAL B 461 -7.00 29.54 -35.01
CA VAL B 461 -6.65 29.35 -33.61
C VAL B 461 -5.85 30.60 -33.26
N VAL B 462 -6.19 31.20 -32.12
CA VAL B 462 -5.46 32.37 -31.63
C VAL B 462 -4.74 31.94 -30.37
N LEU B 463 -3.41 31.98 -30.43
CA LEU B 463 -2.59 31.74 -29.25
C LEU B 463 -2.27 33.10 -28.63
N VAL B 464 -2.62 33.27 -27.36
CA VAL B 464 -2.29 34.47 -26.58
C VAL B 464 -1.22 34.09 -25.53
N ALA B 465 0.03 34.50 -25.83
CA ALA B 465 1.22 34.05 -25.13
C ALA B 465 1.83 35.11 -24.24
N GLY B 466 2.37 34.67 -23.11
CA GLY B 466 3.28 35.47 -22.32
C GLY B 466 2.88 35.63 -20.87
N LYS B 467 1.59 35.49 -20.58
CA LYS B 467 1.04 35.76 -19.26
C LYS B 467 0.45 34.56 -18.57
N GLY B 468 -0.18 33.67 -19.34
CA GLY B 468 -0.80 32.48 -18.78
C GLY B 468 -1.84 32.80 -17.72
N HIS B 469 -1.53 32.45 -16.46
CA HIS B 469 -2.43 32.60 -15.31
C HIS B 469 -2.44 34.02 -14.71
N GLU B 470 -1.41 34.82 -14.99
CA GLU B 470 -1.21 36.11 -14.32
C GLU B 470 -2.36 37.08 -14.56
N ASP B 471 -2.55 37.98 -13.59
CA ASP B 471 -3.69 38.88 -13.57
C ASP B 471 -3.29 40.36 -13.45
N TYR B 472 -2.11 40.67 -13.99
CA TYR B 472 -1.57 42.03 -13.94
C TYR B 472 -0.74 42.37 -15.18
N GLN B 473 -0.73 43.68 -15.50
CA GLN B 473 0.10 44.27 -16.53
C GLN B 473 0.86 45.42 -15.86
N ILE B 474 2.20 45.29 -15.77
CA ILE B 474 3.04 46.30 -15.14
C ILE B 474 3.39 47.43 -16.11
N VAL B 475 2.76 48.60 -15.91
CA VAL B 475 3.02 49.83 -16.66
C VAL B 475 3.53 50.91 -15.70
N GLY B 476 4.78 51.32 -15.89
CA GLY B 476 5.52 52.07 -14.90
C GLY B 476 5.95 51.13 -13.79
N ASN B 477 5.66 51.54 -12.56
CA ASN B 477 5.88 50.72 -11.35
C ASN B 477 4.59 50.03 -10.90
N GLN B 478 3.46 50.43 -11.50
CA GLN B 478 2.11 49.98 -11.14
C GLN B 478 1.71 48.64 -11.75
N ARG B 479 1.04 47.81 -10.95
CA ARG B 479 0.34 46.62 -11.42
C ARG B 479 -1.12 46.97 -11.61
N LEU B 480 -1.49 47.30 -12.86
CA LEU B 480 -2.90 47.38 -13.24
C LEU B 480 -3.51 46.00 -13.28
N ASP B 481 -4.81 45.90 -12.96
CA ASP B 481 -5.61 44.69 -13.12
C ASP B 481 -5.83 44.41 -14.59
N TYR B 482 -5.29 43.29 -15.05
CA TYR B 482 -5.49 42.81 -16.40
C TYR B 482 -5.27 41.32 -16.48
N SER B 483 -6.20 40.60 -17.12
CA SER B 483 -6.08 39.18 -17.35
C SER B 483 -6.38 38.83 -18.82
N ASP B 484 -5.45 38.10 -19.44
CA ASP B 484 -5.68 37.50 -20.74
C ASP B 484 -6.88 36.56 -20.70
N ARG B 485 -6.96 35.76 -19.62
CA ARG B 485 -8.01 34.77 -19.48
C ARG B 485 -9.37 35.41 -19.40
N VAL B 486 -9.50 36.44 -18.56
CA VAL B 486 -10.73 37.19 -18.42
C VAL B 486 -11.06 37.92 -19.73
N THR B 487 -10.04 38.51 -20.38
CA THR B 487 -10.28 39.26 -21.62
C THR B 487 -10.82 38.33 -22.72
N VAL B 488 -10.18 37.19 -22.87
CA VAL B 488 -10.58 36.19 -23.84
C VAL B 488 -12.01 35.69 -23.52
N ALA B 489 -12.24 35.34 -22.25
CA ALA B 489 -13.52 34.79 -21.77
C ALA B 489 -14.67 35.74 -22.04
N ARG B 490 -14.45 37.02 -21.77
CA ARG B 490 -15.42 38.07 -22.07
C ARG B 490 -15.73 38.17 -23.55
N LEU B 491 -14.70 38.16 -24.39
CA LEU B 491 -14.89 38.27 -25.84
C LEU B 491 -15.65 37.10 -26.42
N LEU B 492 -15.46 35.91 -25.85
CA LEU B 492 -16.13 34.69 -26.31
C LEU B 492 -17.50 34.46 -25.64
N GLY B 493 -17.87 35.31 -24.67
CA GLY B 493 -19.12 35.18 -23.93
C GLY B 493 -19.18 33.94 -23.06
N VAL B 494 -18.10 33.66 -22.33
CA VAL B 494 -17.97 32.54 -21.40
C VAL B 494 -17.41 33.02 -20.05
N ILE B 495 -17.16 32.07 -19.14
CA ILE B 495 -16.54 32.33 -17.84
C ILE B 495 -15.12 31.74 -17.79
N ALA B 496 -14.19 32.50 -17.20
CA ALA B 496 -12.78 32.13 -17.07
C ALA B 496 -12.58 31.29 -15.84
#